data_5O9T
#
_entry.id   5O9T
#
_cell.length_a   58.221
_cell.length_b   79.641
_cell.length_c   178.991
_cell.angle_alpha   90.00
_cell.angle_beta   90.00
_cell.angle_gamma   90.00
#
_symmetry.space_group_name_H-M   'P 2 21 21'
#
loop_
_entity.id
_entity.type
_entity.pdbx_description
1 polymer 'Glycylpeptide N-tetradecanoyltransferase 1'
2 polymer 1IP-CYS-PHE-SER-LYS-PRO-ARG
3 non-polymer TETRADECANOYL-COA
4 non-polymer GLYCEROL
5 non-polymer 'CHLORIDE ION'
6 water water
#
loop_
_entity_poly.entity_id
_entity_poly.type
_entity_poly.pdbx_seq_one_letter_code
_entity_poly.pdbx_strand_id
1 'polypeptide(L)'
;GGSEFSVGQGPAKTMEEASKRSYQFWDTQPVPKLGEVVNTHGPVEPDKDNIRQEPYTLPQGFTWDALDLGDRGVLKELYT
LLNENYVEDDDNMFRFDYSPEFLLWALRPPGWLPQWHCGVRVVSSRKLVGFISAIPANIHIYDTEKKMVEINFLCVHKKL
RSKRVAPVLIREITRRVHLEGIFQAVYTAGVVLPKPVGTCRYWHRSLNPRKLIEVKFSHLSRNMTMQRTMKLYRLPETPK
TAGLRPMETKDIPVVHQLLTRYLKQFHLTPVMSQEEVEHWFYPQENIIDTFVVENANGEVTDFLSFYTLPSTIMNHPTHK
SLKAAYSFYNVHTQTPLLDLMSDALVLAKMKGFDVFNALDLMENKTFLEKLKFGIGDGNLQYYLYNWKCPSMGAEKVGLV
LQ
;
A,B
2 'polypeptide(L)' (1IP)CFSKPR C,D
#
# COMPACT_ATOMS: atom_id res chain seq x y z
N PRO A 11 32.94 1.86 13.01
CA PRO A 11 31.59 2.04 13.58
C PRO A 11 31.65 2.24 15.09
N ALA A 12 30.53 2.55 15.75
CA ALA A 12 30.48 2.68 17.20
C ALA A 12 29.43 1.72 17.75
N LYS A 13 29.87 0.70 18.50
CA LYS A 13 28.97 -0.34 18.98
C LYS A 13 28.43 -0.07 20.38
N THR A 14 29.14 0.72 21.18
CA THR A 14 28.70 1.16 22.49
C THR A 14 28.22 2.59 22.46
N MET A 15 27.43 2.96 23.47
CA MET A 15 27.05 4.35 23.62
C MET A 15 28.24 5.22 24.05
N GLU A 16 29.29 4.60 24.60
CA GLU A 16 30.49 5.34 24.98
C GLU A 16 31.24 5.84 23.75
N GLU A 17 31.62 4.91 22.86
CA GLU A 17 32.34 5.30 21.64
C GLU A 17 31.48 6.18 20.74
N ALA A 18 30.15 6.14 20.89
CA ALA A 18 29.26 6.94 20.07
C ALA A 18 29.15 8.39 20.57
N SER A 19 29.24 8.59 21.89
CA SER A 19 29.31 9.95 22.42
C SER A 19 30.50 10.71 21.87
N LYS A 20 31.60 10.01 21.59
CA LYS A 20 32.86 10.62 21.14
C LYS A 20 32.93 10.80 19.63
N ARG A 21 31.86 10.53 18.89
N ARG A 21 31.84 10.55 18.91
CA ARG A 21 31.88 10.61 17.44
CA ARG A 21 31.82 10.59 17.46
C ARG A 21 31.02 11.77 16.95
C ARG A 21 31.02 11.79 16.96
N SER A 22 31.32 12.20 15.73
CA SER A 22 30.54 13.18 15.00
C SER A 22 29.98 12.50 13.75
N TYR A 23 28.69 12.71 13.49
CA TYR A 23 27.97 11.97 12.47
C TYR A 23 27.68 12.91 11.31
N GLN A 24 28.66 13.04 10.42
CA GLN A 24 28.53 13.98 9.31
C GLN A 24 27.29 13.66 8.47
N PHE A 25 27.03 12.38 8.25
CA PHE A 25 25.86 12.02 7.46
C PHE A 25 24.58 12.19 8.28
N TRP A 26 24.52 11.56 9.46
CA TRP A 26 23.25 11.52 10.20
C TRP A 26 22.83 12.89 10.72
N ASP A 27 23.77 13.83 10.84
CA ASP A 27 23.38 15.20 11.18
C ASP A 27 22.55 15.83 10.08
N THR A 28 22.69 15.38 8.84
CA THR A 28 21.90 15.93 7.75
C THR A 28 20.50 15.34 7.66
N GLN A 29 20.25 14.22 8.37
CA GLN A 29 19.04 13.43 8.23
C GLN A 29 18.00 13.84 9.27
N PRO A 30 16.61 13.57 8.97
CA PRO A 30 15.59 13.97 9.95
C PRO A 30 15.42 12.93 11.07
N VAL A 31 16.47 12.80 11.88
CA VAL A 31 16.47 11.98 13.09
C VAL A 31 16.90 12.86 14.26
N PRO A 32 16.55 12.49 15.49
CA PRO A 32 17.01 13.27 16.64
C PRO A 32 18.50 13.09 16.86
N LYS A 33 19.08 14.10 17.50
CA LYS A 33 20.48 14.05 17.87
C LYS A 33 20.70 13.01 18.96
N LEU A 34 21.86 12.34 18.92
CA LEU A 34 22.23 11.40 19.98
C LEU A 34 22.08 12.01 21.36
N GLY A 35 22.56 13.25 21.53
CA GLY A 35 22.58 13.86 22.85
C GLY A 35 21.21 14.20 23.40
N GLU A 36 20.38 14.87 22.58
CA GLU A 36 19.10 15.36 23.07
C GLU A 36 18.23 14.20 23.59
N VAL A 37 17.29 14.56 24.45
CA VAL A 37 16.27 13.64 24.93
C VAL A 37 14.92 14.15 24.44
N VAL A 38 14.02 13.23 24.14
CA VAL A 38 12.81 13.54 23.39
C VAL A 38 11.61 13.54 24.33
N ASN A 39 10.80 14.60 24.26
CA ASN A 39 9.56 14.68 25.03
C ASN A 39 8.35 14.92 24.15
N THR A 40 8.51 14.94 22.83
CA THR A 40 7.41 15.13 21.89
C THR A 40 7.15 13.85 21.09
N HIS A 41 6.05 13.88 20.34
CA HIS A 41 5.61 12.77 19.50
C HIS A 41 5.26 13.31 18.12
N GLY A 42 6.05 12.98 17.10
CA GLY A 42 5.66 13.33 15.76
C GLY A 42 6.82 13.44 14.79
N PRO A 43 6.51 13.79 13.54
CA PRO A 43 7.54 13.82 12.50
C PRO A 43 8.66 14.79 12.84
N VAL A 44 9.87 14.47 12.40
CA VAL A 44 10.95 15.45 12.52
C VAL A 44 10.78 16.56 11.47
N GLU A 45 10.28 16.23 10.28
CA GLU A 45 10.07 17.21 9.23
C GLU A 45 8.79 16.85 8.48
N PRO A 46 8.17 17.83 7.82
CA PRO A 46 6.89 17.57 7.14
C PRO A 46 7.08 16.70 5.91
N ASP A 47 5.99 16.04 5.52
CA ASP A 47 5.96 15.33 4.25
C ASP A 47 6.33 16.27 3.11
N LYS A 48 7.18 15.79 2.21
CA LYS A 48 7.55 16.55 1.02
C LYS A 48 6.46 16.44 -0.04
N ASP A 49 6.08 17.56 -0.66
CA ASP A 49 5.11 17.51 -1.75
C ASP A 49 5.74 17.63 -3.13
N ASN A 50 7.08 17.65 -3.22
CA ASN A 50 7.79 17.47 -4.48
C ASN A 50 9.06 16.68 -4.21
N ILE A 51 9.32 15.66 -5.03
CA ILE A 51 10.39 14.70 -4.78
C ILE A 51 11.36 14.70 -5.96
N ARG A 52 12.66 14.69 -5.64
CA ARG A 52 13.71 14.55 -6.63
C ARG A 52 13.45 13.37 -7.56
N GLN A 53 13.35 13.65 -8.87
CA GLN A 53 13.03 12.64 -9.87
C GLN A 53 14.26 11.86 -10.32
N GLU A 54 15.46 12.40 -10.11
CA GLU A 54 16.65 11.77 -10.64
C GLU A 54 17.33 10.91 -9.58
N PRO A 55 17.80 9.73 -9.94
CA PRO A 55 18.58 8.95 -8.96
C PRO A 55 19.83 9.73 -8.54
N TYR A 56 20.27 9.50 -7.30
CA TYR A 56 21.50 10.13 -6.84
C TYR A 56 22.68 9.59 -7.64
N THR A 57 23.69 10.45 -7.79
CA THR A 57 24.91 10.10 -8.51
C THR A 57 25.74 9.09 -7.73
N LEU A 58 26.22 8.06 -8.41
CA LEU A 58 27.18 7.11 -7.87
C LEU A 58 28.59 7.45 -8.34
N PRO A 59 29.63 6.96 -7.67
CA PRO A 59 30.99 7.16 -8.19
C PRO A 59 31.13 6.55 -9.57
N GLN A 60 32.11 7.05 -10.32
CA GLN A 60 32.27 6.68 -11.72
C GLN A 60 32.51 5.18 -11.83
N GLY A 61 31.84 4.55 -12.78
CA GLY A 61 31.98 3.13 -13.00
C GLY A 61 30.94 2.24 -12.35
N PHE A 62 29.92 2.83 -11.71
CA PHE A 62 28.88 2.09 -11.00
C PHE A 62 27.51 2.60 -11.43
N THR A 63 26.51 1.72 -11.40
CA THR A 63 25.16 2.08 -11.82
C THR A 63 24.12 1.47 -10.90
N TRP A 64 22.97 2.12 -10.82
CA TRP A 64 21.82 1.56 -10.11
C TRP A 64 21.22 0.39 -10.91
N ASP A 65 20.68 -0.57 -10.19
CA ASP A 65 19.93 -1.64 -10.84
C ASP A 65 18.95 -2.21 -9.85
N ALA A 66 17.64 -2.12 -10.14
CA ALA A 66 16.63 -2.73 -9.31
C ALA A 66 16.59 -4.24 -9.56
N LEU A 67 16.69 -5.03 -8.49
CA LEU A 67 16.86 -6.48 -8.61
C LEU A 67 15.49 -7.17 -8.65
N ASP A 68 15.22 -7.86 -9.75
CA ASP A 68 14.03 -8.71 -9.87
C ASP A 68 14.40 -10.07 -9.27
N LEU A 69 13.98 -10.29 -8.03
CA LEU A 69 14.34 -11.54 -7.36
C LEU A 69 13.57 -12.73 -7.89
N GLY A 70 12.58 -12.52 -8.77
CA GLY A 70 11.98 -13.62 -9.48
C GLY A 70 12.88 -14.24 -10.53
N ASP A 71 13.94 -13.54 -10.94
CA ASP A 71 14.99 -14.11 -11.77
C ASP A 71 15.95 -14.88 -10.87
N ARG A 72 15.94 -16.22 -10.99
CA ARG A 72 16.75 -17.06 -10.10
C ARG A 72 18.23 -16.67 -10.16
N GLY A 73 18.73 -16.31 -11.34
CA GLY A 73 20.11 -15.86 -11.42
C GLY A 73 20.36 -14.57 -10.64
N VAL A 74 19.43 -13.62 -10.75
CA VAL A 74 19.58 -12.38 -9.98
C VAL A 74 19.49 -12.64 -8.50
N LEU A 75 18.54 -13.48 -8.07
CA LEU A 75 18.46 -13.85 -6.66
C LEU A 75 19.79 -14.43 -6.17
N LYS A 76 20.44 -15.25 -7.01
CA LYS A 76 21.70 -15.86 -6.59
C LYS A 76 22.81 -14.84 -6.46
N GLU A 77 22.82 -13.82 -7.32
CA GLU A 77 23.83 -12.76 -7.19
C GLU A 77 23.68 -12.03 -5.87
N LEU A 78 22.43 -11.78 -5.45
CA LEU A 78 22.20 -11.14 -4.16
C LEU A 78 22.60 -12.06 -3.02
N TYR A 79 22.25 -13.34 -3.10
CA TYR A 79 22.70 -14.29 -2.08
C TYR A 79 24.20 -14.22 -1.91
N THR A 80 24.93 -14.27 -3.04
CA THR A 80 26.39 -14.29 -2.99
C THR A 80 26.94 -13.00 -2.40
N LEU A 81 26.41 -11.85 -2.82
CA LEU A 81 26.86 -10.59 -2.23
C LEU A 81 26.68 -10.59 -0.72
N LEU A 82 25.51 -11.01 -0.25
CA LEU A 82 25.28 -11.00 1.19
C LEU A 82 26.13 -12.06 1.88
N ASN A 83 26.21 -13.25 1.29
CA ASN A 83 26.96 -14.34 1.90
C ASN A 83 28.45 -13.98 2.08
N GLU A 84 28.98 -13.11 1.23
CA GLU A 84 30.38 -12.74 1.29
C GLU A 84 30.64 -11.41 1.98
N ASN A 85 29.63 -10.55 2.12
CA ASN A 85 29.88 -9.17 2.52
C ASN A 85 28.95 -8.63 3.59
N TYR A 86 27.99 -9.41 4.10
CA TYR A 86 26.99 -8.88 5.01
C TYR A 86 27.52 -8.94 6.46
N VAL A 87 26.62 -8.82 7.44
CA VAL A 87 27.05 -8.56 8.82
C VAL A 87 27.86 -9.74 9.34
N GLU A 88 28.95 -9.43 10.06
CA GLU A 88 29.77 -10.38 10.79
C GLU A 88 29.72 -10.08 12.29
N ASP A 89 30.15 -11.05 13.09
CA ASP A 89 30.28 -10.77 14.51
C ASP A 89 31.48 -9.87 14.76
N ASP A 90 31.63 -9.45 16.02
CA ASP A 90 32.65 -8.47 16.40
C ASP A 90 34.07 -8.91 16.06
N ASP A 91 34.36 -10.21 16.07
CA ASP A 91 35.72 -10.67 15.89
C ASP A 91 35.97 -11.31 14.54
N ASN A 92 35.05 -11.14 13.60
CA ASN A 92 35.20 -11.64 12.24
C ASN A 92 35.34 -13.16 12.21
N MET A 93 34.50 -13.85 13.00
CA MET A 93 34.48 -15.31 13.02
C MET A 93 33.26 -15.90 12.34
N PHE A 94 32.15 -15.17 12.31
CA PHE A 94 30.89 -15.64 11.74
C PHE A 94 30.27 -14.56 10.87
N ARG A 95 29.61 -14.97 9.80
CA ARG A 95 28.87 -14.06 8.93
C ARG A 95 27.47 -14.64 8.69
N PHE A 96 26.46 -13.77 8.65
CA PHE A 96 25.12 -14.25 8.30
C PHE A 96 25.15 -14.91 6.92
N ASP A 97 24.38 -15.98 6.77
CA ASP A 97 24.27 -16.72 5.50
C ASP A 97 22.78 -16.91 5.14
N TYR A 98 22.08 -15.79 4.88
CA TYR A 98 20.69 -15.84 4.43
C TYR A 98 20.56 -16.67 3.18
N SER A 99 19.62 -17.61 3.17
CA SER A 99 19.42 -18.42 1.97
C SER A 99 18.67 -17.64 0.91
N PRO A 100 18.72 -18.09 -0.34
CA PRO A 100 17.90 -17.45 -1.38
C PRO A 100 16.41 -17.44 -1.07
N GLU A 101 15.87 -18.57 -0.61
CA GLU A 101 14.44 -18.67 -0.32
C GLU A 101 14.06 -17.78 0.87
N PHE A 102 14.90 -17.71 1.89
CA PHE A 102 14.69 -16.76 2.98
C PHE A 102 14.61 -15.34 2.45
N LEU A 103 15.53 -14.97 1.54
CA LEU A 103 15.54 -13.61 1.03
C LEU A 103 14.24 -13.30 0.29
N LEU A 104 13.70 -14.28 -0.45
CA LEU A 104 12.41 -14.08 -1.11
C LEU A 104 11.31 -13.80 -0.08
N TRP A 105 11.29 -14.58 1.00
CA TRP A 105 10.37 -14.36 2.11
C TRP A 105 10.48 -12.95 2.68
N ALA A 106 11.70 -12.52 2.99
CA ALA A 106 11.87 -11.23 3.63
C ALA A 106 11.64 -10.07 2.68
N LEU A 107 11.87 -10.27 1.38
CA LEU A 107 11.87 -9.16 0.43
C LEU A 107 10.65 -9.11 -0.46
N ARG A 108 9.81 -10.16 -0.46
CA ARG A 108 8.57 -10.05 -1.19
C ARG A 108 7.36 -10.28 -0.29
N PRO A 109 7.20 -9.56 0.81
CA PRO A 109 5.94 -9.61 1.55
C PRO A 109 4.86 -8.88 0.76
N PRO A 110 3.60 -8.93 1.20
CA PRO A 110 2.55 -8.17 0.51
C PRO A 110 2.90 -6.69 0.40
N GLY A 111 2.66 -6.13 -0.79
CA GLY A 111 3.00 -4.75 -1.06
C GLY A 111 4.43 -4.48 -1.50
N TRP A 112 5.25 -5.52 -1.67
CA TRP A 112 6.64 -5.30 -2.06
C TRP A 112 6.69 -4.63 -3.43
N LEU A 113 7.74 -3.83 -3.65
CA LEU A 113 7.96 -3.14 -4.90
C LEU A 113 9.32 -3.48 -5.47
N PRO A 114 9.42 -3.74 -6.77
CA PRO A 114 10.74 -4.09 -7.34
C PRO A 114 11.76 -2.97 -7.21
N GLN A 115 11.33 -1.71 -7.34
CA GLN A 115 12.29 -0.60 -7.24
C GLN A 115 12.82 -0.40 -5.82
N TRP A 116 12.19 -1.01 -4.83
CA TRP A 116 12.69 -1.00 -3.46
C TRP A 116 13.70 -2.13 -3.18
N HIS A 117 14.07 -2.90 -4.20
CA HIS A 117 15.21 -3.82 -4.12
C HIS A 117 16.37 -3.16 -4.87
N CYS A 118 17.06 -2.27 -4.17
CA CYS A 118 17.91 -1.27 -4.80
C CYS A 118 19.38 -1.74 -4.80
N GLY A 119 19.85 -2.21 -5.96
CA GLY A 119 21.22 -2.69 -6.10
C GLY A 119 22.17 -1.69 -6.74
N VAL A 120 23.47 -1.95 -6.54
CA VAL A 120 24.55 -1.25 -7.25
C VAL A 120 25.40 -2.29 -7.98
N ARG A 121 25.70 -2.02 -9.25
CA ARG A 121 26.51 -2.90 -10.08
C ARG A 121 27.70 -2.16 -10.67
N VAL A 122 28.78 -2.90 -10.93
CA VAL A 122 29.89 -2.36 -11.71
C VAL A 122 29.45 -2.25 -13.17
N VAL A 123 29.72 -1.10 -13.79
CA VAL A 123 29.25 -0.90 -15.16
C VAL A 123 29.82 -1.96 -16.09
N SER A 124 31.15 -2.17 -16.01
CA SER A 124 31.82 -3.05 -16.97
C SER A 124 31.45 -4.51 -16.72
N SER A 125 31.67 -4.99 -15.50
CA SER A 125 31.50 -6.41 -15.24
C SER A 125 30.06 -6.81 -14.96
N ARG A 126 29.21 -5.89 -14.49
CA ARG A 126 27.86 -6.13 -13.99
C ARG A 126 27.87 -6.80 -12.61
N LYS A 127 29.02 -6.85 -11.94
CA LYS A 127 29.10 -7.43 -10.61
C LYS A 127 28.24 -6.64 -9.61
N LEU A 128 27.43 -7.36 -8.86
CA LEU A 128 26.64 -6.73 -7.80
C LEU A 128 27.55 -6.38 -6.62
N VAL A 129 27.65 -5.10 -6.29
CA VAL A 129 28.56 -4.67 -5.22
C VAL A 129 27.88 -3.90 -4.11
N GLY A 130 26.57 -3.66 -4.21
CA GLY A 130 25.89 -2.93 -3.16
C GLY A 130 24.41 -3.22 -3.20
N PHE A 131 23.76 -3.09 -2.04
CA PHE A 131 22.33 -3.38 -1.96
C PHE A 131 21.74 -2.66 -0.76
N ILE A 132 20.45 -2.29 -0.91
CA ILE A 132 19.61 -1.91 0.22
C ILE A 132 18.17 -2.21 -0.19
N SER A 133 17.30 -2.48 0.79
CA SER A 133 15.92 -2.82 0.48
C SER A 133 14.94 -2.12 1.40
N ALA A 134 13.71 -1.98 0.90
CA ALA A 134 12.59 -1.47 1.67
C ALA A 134 11.38 -2.36 1.45
N ILE A 135 10.63 -2.61 2.50
CA ILE A 135 9.34 -3.28 2.36
C ILE A 135 8.32 -2.44 3.13
N PRO A 136 7.08 -2.36 2.68
CA PRO A 136 6.10 -1.57 3.43
C PRO A 136 5.63 -2.32 4.66
N ALA A 137 5.29 -1.56 5.70
CA ALA A 137 4.70 -2.13 6.90
C ALA A 137 3.91 -1.04 7.61
N ASN A 138 2.78 -1.42 8.19
CA ASN A 138 2.07 -0.52 9.07
C ASN A 138 2.65 -0.67 10.47
N ILE A 139 3.03 0.45 11.08
CA ILE A 139 3.75 0.43 12.35
C ILE A 139 2.94 1.20 13.37
N HIS A 140 2.76 0.60 14.54
CA HIS A 140 2.10 1.24 15.67
C HIS A 140 3.19 1.70 16.62
N ILE A 141 3.29 3.02 16.82
CA ILE A 141 4.29 3.62 17.70
C ILE A 141 3.54 4.49 18.71
N TYR A 142 3.53 4.08 19.98
CA TYR A 142 2.72 4.69 21.03
C TYR A 142 1.27 4.85 20.55
N ASP A 143 0.75 6.07 20.49
CA ASP A 143 -0.66 6.28 20.16
C ASP A 143 -0.88 6.59 18.68
N THR A 144 0.08 6.28 17.83
CA THR A 144 -0.01 6.61 16.41
C THR A 144 0.25 5.36 15.59
N GLU A 145 -0.55 5.18 14.54
CA GLU A 145 -0.30 4.17 13.52
C GLU A 145 0.07 4.85 12.21
N LYS A 146 1.22 4.46 11.65
CA LYS A 146 1.78 5.05 10.43
C LYS A 146 2.12 3.95 9.44
N LYS A 147 1.78 4.18 8.16
CA LYS A 147 2.41 3.44 7.07
C LYS A 147 3.88 3.85 7.00
N MET A 148 4.77 2.85 7.05
CA MET A 148 6.21 3.03 7.03
C MET A 148 6.81 2.05 6.04
N VAL A 149 8.13 2.11 5.90
CA VAL A 149 8.90 1.01 5.33
C VAL A 149 9.86 0.48 6.39
N GLU A 150 10.20 -0.79 6.26
CA GLU A 150 11.30 -1.41 6.99
C GLU A 150 12.48 -1.51 6.05
N ILE A 151 13.62 -0.98 6.47
CA ILE A 151 14.86 -1.01 5.70
C ILE A 151 15.70 -2.18 6.20
N ASN A 152 16.21 -2.97 5.27
CA ASN A 152 16.97 -4.15 5.63
C ASN A 152 18.03 -4.38 4.57
N PHE A 153 19.03 -5.18 4.93
CA PHE A 153 20.01 -5.71 3.98
C PHE A 153 20.85 -4.62 3.33
N LEU A 154 21.18 -3.58 4.09
CA LEU A 154 22.18 -2.63 3.59
C LEU A 154 23.53 -3.32 3.54
N CYS A 155 24.11 -3.41 2.34
CA CYS A 155 25.37 -4.14 2.15
C CYS A 155 26.22 -3.44 1.10
N VAL A 156 27.48 -3.19 1.43
CA VAL A 156 28.47 -2.66 0.48
C VAL A 156 29.62 -3.66 0.40
N HIS A 157 29.96 -4.06 -0.83
CA HIS A 157 31.08 -4.98 -1.04
C HIS A 157 32.30 -4.52 -0.25
N LYS A 158 33.06 -5.50 0.26
CA LYS A 158 34.17 -5.20 1.16
C LYS A 158 35.23 -4.33 0.48
N LYS A 159 35.50 -4.57 -0.81
CA LYS A 159 36.48 -3.77 -1.52
C LYS A 159 36.00 -2.36 -1.78
N LEU A 160 34.72 -2.08 -1.58
CA LEU A 160 34.13 -0.81 -1.91
C LEU A 160 33.79 0.00 -0.66
N ARG A 161 34.28 -0.42 0.50
CA ARG A 161 33.87 0.21 1.74
C ARG A 161 34.60 1.53 1.97
N SER A 162 34.11 2.26 2.98
CA SER A 162 34.75 3.50 3.42
C SER A 162 34.92 4.49 2.28
N LYS A 163 34.06 4.36 1.26
CA LYS A 163 34.07 5.24 0.09
C LYS A 163 32.73 5.97 -0.10
N ARG A 164 31.96 6.11 0.98
CA ARG A 164 30.67 6.81 1.01
C ARG A 164 29.58 6.14 0.20
N VAL A 165 29.72 4.87 -0.16
CA VAL A 165 28.64 4.28 -0.94
C VAL A 165 27.39 4.09 -0.08
N ALA A 166 27.56 3.82 1.21
CA ALA A 166 26.39 3.59 2.05
C ALA A 166 25.52 4.83 2.19
N PRO A 167 26.05 6.04 2.37
CA PRO A 167 25.16 7.22 2.41
C PRO A 167 24.38 7.41 1.14
N VAL A 168 24.95 7.04 -0.01
CA VAL A 168 24.23 7.17 -1.26
C VAL A 168 23.10 6.14 -1.33
N LEU A 169 23.35 4.91 -0.86
CA LEU A 169 22.32 3.88 -0.83
C LEU A 169 21.16 4.30 0.07
N ILE A 170 21.46 4.93 1.21
CA ILE A 170 20.39 5.39 2.10
C ILE A 170 19.57 6.49 1.46
N ARG A 171 20.24 7.46 0.84
CA ARG A 171 19.53 8.57 0.19
C ARG A 171 18.71 8.09 -0.98
N GLU A 172 19.23 7.13 -1.75
CA GLU A 172 18.49 6.69 -2.92
C GLU A 172 17.24 5.89 -2.52
N ILE A 173 17.33 5.03 -1.50
CA ILE A 173 16.12 4.30 -1.11
C ILE A 173 15.12 5.26 -0.45
N THR A 174 15.61 6.28 0.28
CA THR A 174 14.74 7.31 0.83
C THR A 174 13.95 7.99 -0.29
N ARG A 175 14.64 8.36 -1.36
CA ARG A 175 14.00 9.00 -2.51
C ARG A 175 12.93 8.11 -3.09
N ARG A 176 13.27 6.84 -3.32
CA ARG A 176 12.32 5.91 -3.93
C ARG A 176 11.14 5.61 -3.01
N VAL A 177 11.35 5.66 -1.69
CA VAL A 177 10.24 5.51 -0.77
C VAL A 177 9.36 6.75 -0.78
N HIS A 178 9.99 7.94 -0.77
CA HIS A 178 9.23 9.19 -0.86
C HIS A 178 8.36 9.23 -2.11
N LEU A 179 8.86 8.69 -3.22
CA LEU A 179 8.07 8.74 -4.47
C LEU A 179 6.75 8.01 -4.32
N GLU A 180 6.65 7.10 -3.35
CA GLU A 180 5.43 6.34 -3.12
C GLU A 180 4.61 6.92 -1.98
N GLY A 181 4.97 8.12 -1.50
CA GLY A 181 4.18 8.76 -0.47
C GLY A 181 4.40 8.24 0.95
N ILE A 182 5.55 7.66 1.25
CA ILE A 182 5.85 7.21 2.61
C ILE A 182 7.02 8.04 3.13
N PHE A 183 6.91 8.48 4.40
CA PHE A 183 7.88 9.43 4.92
C PHE A 183 8.49 9.02 6.26
N GLN A 184 8.21 7.82 6.75
CA GLN A 184 8.81 7.28 7.96
C GLN A 184 9.31 5.86 7.68
N ALA A 185 10.30 5.43 8.46
CA ALA A 185 10.86 4.09 8.30
C ALA A 185 11.30 3.55 9.66
N VAL A 186 11.37 2.23 9.74
CA VAL A 186 11.90 1.57 10.92
C VAL A 186 13.03 0.66 10.48
N TYR A 187 14.08 0.58 11.30
CA TYR A 187 15.23 -0.27 11.00
C TYR A 187 15.96 -0.56 12.30
N THR A 188 16.84 -1.57 12.23
CA THR A 188 17.71 -1.95 13.32
C THR A 188 19.16 -1.96 12.84
N ALA A 189 20.08 -1.91 13.80
CA ALA A 189 21.51 -2.06 13.52
C ALA A 189 22.24 -2.42 14.81
N GLY A 190 23.34 -3.16 14.66
CA GLY A 190 24.28 -3.39 15.75
C GLY A 190 25.13 -2.18 16.14
N VAL A 191 25.17 -1.14 15.32
CA VAL A 191 25.94 0.05 15.63
C VAL A 191 25.04 1.09 16.29
N VAL A 192 25.64 1.99 17.03
CA VAL A 192 24.89 3.10 17.61
C VAL A 192 24.86 4.25 16.60
N LEU A 193 23.68 4.82 16.41
CA LEU A 193 23.44 5.90 15.48
C LEU A 193 22.47 6.87 16.12
N PRO A 194 22.42 8.12 15.64
CA PRO A 194 21.32 8.97 16.08
C PRO A 194 20.00 8.48 15.47
N LYS A 195 18.99 8.08 16.27
CA LYS A 195 19.07 7.96 17.73
C LYS A 195 18.15 6.80 18.13
N PRO A 196 18.67 5.83 18.89
CA PRO A 196 17.89 4.61 19.13
C PRO A 196 16.60 4.90 19.86
N VAL A 197 15.52 4.29 19.39
CA VAL A 197 14.25 4.37 20.11
C VAL A 197 14.18 3.31 21.19
N GLY A 198 15.05 2.30 21.13
CA GLY A 198 15.11 1.23 22.10
C GLY A 198 16.35 0.40 21.86
N THR A 199 16.91 -0.20 22.90
CA THR A 199 18.10 -1.03 22.76
C THR A 199 17.80 -2.41 23.31
N CYS A 200 17.94 -3.42 22.45
CA CYS A 200 17.69 -4.80 22.83
C CYS A 200 19.00 -5.57 22.81
N ARG A 201 19.02 -6.67 23.55
CA ARG A 201 20.19 -7.50 23.69
C ARG A 201 19.86 -8.91 23.21
N TYR A 202 20.74 -9.46 22.38
CA TYR A 202 20.60 -10.86 22.01
C TYR A 202 21.05 -11.76 23.15
N TRP A 203 20.29 -12.84 23.37
CA TRP A 203 20.64 -13.96 24.23
C TRP A 203 20.67 -15.24 23.41
N HIS A 204 21.40 -16.24 23.88
CA HIS A 204 21.64 -17.46 23.14
C HIS A 204 21.39 -18.68 24.02
N ARG A 205 20.68 -19.67 23.46
CA ARG A 205 20.40 -20.92 24.14
C ARG A 205 21.12 -22.02 23.37
N SER A 206 22.17 -22.58 23.99
CA SER A 206 22.88 -23.70 23.39
C SER A 206 21.96 -24.90 23.22
N LEU A 207 22.02 -25.50 22.05
CA LEU A 207 21.34 -26.75 21.77
C LEU A 207 22.32 -27.86 21.45
N ASN A 208 23.42 -27.55 20.79
CA ASN A 208 24.48 -28.50 20.43
C ASN A 208 25.78 -27.94 21.01
N PRO A 209 25.93 -27.97 22.35
CA PRO A 209 27.05 -27.26 22.98
C PRO A 209 28.42 -27.74 22.52
N ARG A 210 28.54 -29.01 22.17
CA ARG A 210 29.79 -29.52 21.62
C ARG A 210 30.24 -28.69 20.41
N LYS A 211 29.38 -28.62 19.39
CA LYS A 211 29.73 -27.89 18.18
C LYS A 211 30.03 -26.43 18.49
N LEU A 212 29.24 -25.81 19.37
CA LEU A 212 29.40 -24.38 19.64
C LEU A 212 30.74 -24.06 20.29
N ILE A 213 31.36 -25.03 20.94
CA ILE A 213 32.62 -24.77 21.64
C ILE A 213 33.82 -25.00 20.74
N GLU A 214 33.77 -26.03 19.89
CA GLU A 214 34.86 -26.27 18.95
C GLU A 214 34.93 -25.21 17.85
N VAL A 215 33.86 -24.45 17.62
CA VAL A 215 33.90 -23.31 16.71
C VAL A 215 34.05 -21.98 17.44
N LYS A 216 34.19 -22.02 18.76
CA LYS A 216 34.41 -20.82 19.57
C LYS A 216 33.27 -19.82 19.43
N PHE A 217 32.07 -20.31 19.11
CA PHE A 217 30.88 -19.49 19.29
C PHE A 217 30.64 -19.22 20.76
N SER A 218 30.73 -20.26 21.58
CA SER A 218 30.86 -20.12 23.03
C SER A 218 32.07 -20.93 23.47
N HIS A 219 32.40 -20.84 24.76
CA HIS A 219 33.37 -21.76 25.33
C HIS A 219 33.03 -22.01 26.80
N LEU A 220 33.67 -23.04 27.36
CA LEU A 220 33.27 -23.57 28.66
C LEU A 220 33.28 -22.50 29.74
N SER A 221 32.16 -22.40 30.45
CA SER A 221 32.11 -21.58 31.65
C SER A 221 33.04 -22.14 32.71
N ARG A 222 33.72 -21.25 33.43
CA ARG A 222 34.55 -21.66 34.55
C ARG A 222 33.75 -21.73 35.84
N ASN A 223 33.82 -22.86 36.53
CA ASN A 223 34.60 -24.00 36.10
C ASN A 223 33.69 -25.19 35.77
N MET A 224 33.71 -25.65 34.52
CA MET A 224 32.83 -26.74 34.09
C MET A 224 33.47 -27.58 33.00
N THR A 225 33.27 -28.89 33.10
CA THR A 225 33.71 -29.82 32.08
C THR A 225 32.76 -29.81 30.88
N MET A 226 33.25 -30.36 29.76
CA MET A 226 32.37 -30.64 28.63
C MET A 226 31.21 -31.55 29.04
N GLN A 227 31.45 -32.48 29.97
CA GLN A 227 30.40 -33.39 30.42
C GLN A 227 29.29 -32.63 31.15
N ARG A 228 29.64 -31.85 32.16
CA ARG A 228 28.67 -31.02 32.86
C ARG A 228 27.92 -30.11 31.90
N THR A 229 28.64 -29.57 30.91
CA THR A 229 28.04 -28.62 29.99
C THR A 229 26.96 -29.27 29.15
N MET A 230 27.22 -30.49 28.65
CA MET A 230 26.21 -31.22 27.90
C MET A 230 24.98 -31.50 28.75
N LYS A 231 25.19 -32.09 29.94
CA LYS A 231 24.06 -32.43 30.81
C LYS A 231 23.24 -31.19 31.13
N LEU A 232 23.90 -30.05 31.33
CA LEU A 232 23.18 -28.82 31.66
C LEU A 232 22.21 -28.42 30.55
N TYR A 233 22.57 -28.68 29.29
CA TYR A 233 21.81 -28.21 28.14
C TYR A 233 20.97 -29.28 27.48
N ARG A 234 20.99 -30.50 27.99
CA ARG A 234 20.14 -31.55 27.43
C ARG A 234 18.67 -31.11 27.45
N LEU A 235 17.91 -31.60 26.49
CA LEU A 235 16.51 -31.25 26.36
C LEU A 235 15.67 -32.50 26.19
N PRO A 236 14.38 -32.46 26.57
CA PRO A 236 13.49 -33.58 26.25
C PRO A 236 13.48 -33.84 24.75
N GLU A 237 13.08 -35.05 24.36
CA GLU A 237 13.03 -35.34 22.94
C GLU A 237 11.71 -34.97 22.28
N THR A 238 10.66 -34.68 23.06
CA THR A 238 9.39 -34.23 22.52
C THR A 238 8.89 -33.06 23.36
N PRO A 239 8.16 -32.12 22.75
CA PRO A 239 7.57 -31.03 23.53
C PRO A 239 6.53 -31.55 24.49
N LYS A 240 6.21 -30.74 25.50
CA LYS A 240 5.27 -31.18 26.52
C LYS A 240 3.86 -30.65 26.34
N THR A 241 3.68 -29.48 25.70
CA THR A 241 2.38 -28.82 25.67
C THR A 241 1.35 -29.64 24.91
N ALA A 242 0.18 -29.81 25.52
CA ALA A 242 -0.93 -30.52 24.90
C ALA A 242 -1.41 -29.79 23.66
N GLY A 243 -1.52 -30.53 22.56
CA GLY A 243 -2.17 -30.02 21.38
C GLY A 243 -1.31 -29.12 20.52
N LEU A 244 -0.02 -29.03 20.81
CA LEU A 244 0.92 -28.30 19.96
C LEU A 244 1.02 -29.00 18.61
N ARG A 245 0.98 -28.22 17.53
CA ARG A 245 1.04 -28.77 16.18
C ARG A 245 1.41 -27.66 15.21
N PRO A 246 1.88 -28.01 14.01
CA PRO A 246 2.25 -26.96 13.05
C PRO A 246 1.05 -26.13 12.63
N MET A 247 1.29 -24.85 12.40
CA MET A 247 0.27 -23.98 11.84
C MET A 247 -0.14 -24.45 10.45
N GLU A 248 -1.44 -24.39 10.20
CA GLU A 248 -2.08 -24.77 8.94
C GLU A 248 -2.90 -23.60 8.41
N THR A 249 -3.35 -23.75 7.17
CA THR A 249 -4.12 -22.69 6.51
C THR A 249 -5.35 -22.29 7.33
N LYS A 250 -6.04 -23.27 7.94
CA LYS A 250 -7.24 -22.96 8.70
C LYS A 250 -6.96 -22.07 9.92
N ASP A 251 -5.70 -22.02 10.39
CA ASP A 251 -5.35 -21.23 11.57
C ASP A 251 -5.06 -19.77 11.29
N ILE A 252 -4.99 -19.34 10.03
CA ILE A 252 -4.56 -17.97 9.72
C ILE A 252 -5.42 -16.92 10.43
N PRO A 253 -6.75 -16.98 10.39
CA PRO A 253 -7.53 -15.93 11.10
C PRO A 253 -7.26 -15.92 12.59
N VAL A 254 -7.20 -17.08 13.24
CA VAL A 254 -7.07 -17.03 14.68
C VAL A 254 -5.66 -16.62 15.06
N VAL A 255 -4.65 -16.98 14.26
CA VAL A 255 -3.29 -16.49 14.56
C VAL A 255 -3.24 -14.98 14.40
N HIS A 256 -3.94 -14.47 13.39
CA HIS A 256 -4.03 -13.01 13.22
C HIS A 256 -4.68 -12.36 14.44
N GLN A 257 -5.81 -12.91 14.88
CA GLN A 257 -6.51 -12.33 16.03
C GLN A 257 -5.65 -12.38 17.29
N LEU A 258 -5.05 -13.54 17.57
CA LEU A 258 -4.18 -13.67 18.74
C LEU A 258 -3.04 -12.66 18.73
N LEU A 259 -2.34 -12.56 17.61
CA LEU A 259 -1.21 -11.63 17.51
C LEU A 259 -1.66 -10.19 17.72
N THR A 260 -2.75 -9.79 17.06
CA THR A 260 -3.22 -8.41 17.15
C THR A 260 -3.52 -8.02 18.60
N ARG A 261 -4.16 -8.90 19.35
CA ARG A 261 -4.52 -8.57 20.72
C ARG A 261 -3.32 -8.61 21.64
N TYR A 262 -2.44 -9.59 21.43
CA TYR A 262 -1.25 -9.69 22.25
C TYR A 262 -0.35 -8.46 22.11
N LEU A 263 -0.23 -7.92 20.89
CA LEU A 263 0.73 -6.84 20.66
C LEU A 263 0.25 -5.48 21.18
N LYS A 264 -1.03 -5.33 21.50
CA LYS A 264 -1.52 -4.04 22.00
C LYS A 264 -0.82 -3.58 23.27
N GLN A 265 -0.17 -4.49 24.00
CA GLN A 265 0.48 -4.13 25.25
C GLN A 265 1.89 -3.55 25.09
N PHE A 266 2.42 -3.48 23.87
CA PHE A 266 3.75 -2.92 23.63
C PHE A 266 3.60 -1.60 22.90
N HIS A 267 4.73 -0.88 22.76
CA HIS A 267 4.71 0.50 22.25
C HIS A 267 5.27 0.65 20.84
N LEU A 268 5.99 -0.33 20.33
CA LEU A 268 6.43 -0.35 18.93
C LEU A 268 6.09 -1.73 18.39
N THR A 269 5.14 -1.81 17.46
CA THR A 269 4.66 -3.10 16.97
C THR A 269 4.29 -2.98 15.49
N PRO A 270 4.26 -4.10 14.78
CA PRO A 270 3.61 -4.10 13.46
C PRO A 270 2.09 -4.22 13.61
N VAL A 271 1.39 -3.71 12.61
CA VAL A 271 -0.05 -3.91 12.47
C VAL A 271 -0.24 -4.71 11.19
N MET A 272 -0.50 -6.00 11.31
CA MET A 272 -0.50 -6.88 10.16
C MET A 272 -1.93 -7.11 9.66
N SER A 273 -2.09 -7.06 8.34
CA SER A 273 -3.30 -7.56 7.73
C SER A 273 -3.29 -9.09 7.78
N GLN A 274 -4.43 -9.68 7.45
CA GLN A 274 -4.47 -11.13 7.48
C GLN A 274 -3.58 -11.73 6.41
N GLU A 275 -3.43 -11.06 5.27
CA GLU A 275 -2.48 -11.52 4.25
C GLU A 275 -1.04 -11.50 4.77
N GLU A 276 -0.67 -10.42 5.48
CA GLU A 276 0.67 -10.35 6.06
C GLU A 276 0.88 -11.43 7.12
N VAL A 277 -0.17 -11.76 7.88
CA VAL A 277 -0.04 -12.84 8.86
C VAL A 277 0.27 -14.15 8.14
N GLU A 278 -0.46 -14.43 7.05
CA GLU A 278 -0.17 -15.62 6.28
C GLU A 278 1.26 -15.61 5.79
N HIS A 279 1.71 -14.49 5.24
CA HIS A 279 3.08 -14.44 4.72
C HIS A 279 4.10 -14.68 5.83
N TRP A 280 3.99 -13.95 6.93
CA TRP A 280 5.06 -13.99 7.91
C TRP A 280 5.04 -15.26 8.76
N PHE A 281 3.91 -15.97 8.88
CA PHE A 281 3.86 -17.11 9.82
C PHE A 281 3.59 -18.47 9.21
N TYR A 282 2.99 -18.56 8.02
CA TYR A 282 2.70 -19.86 7.45
C TYR A 282 4.00 -20.62 7.24
N PRO A 283 4.15 -21.82 7.79
CA PRO A 283 5.48 -22.46 7.83
C PRO A 283 6.05 -22.71 6.45
N GLN A 284 7.35 -22.44 6.31
CA GLN A 284 8.11 -22.82 5.13
C GLN A 284 9.40 -23.47 5.60
N GLU A 285 9.69 -24.66 5.08
CA GLU A 285 10.86 -25.41 5.55
C GLU A 285 12.12 -24.59 5.35
N ASN A 286 12.92 -24.48 6.40
CA ASN A 286 14.20 -23.78 6.40
C ASN A 286 14.02 -22.27 6.32
N ILE A 287 12.84 -21.75 6.67
CA ILE A 287 12.65 -20.31 6.65
C ILE A 287 11.97 -19.91 7.94
N ILE A 288 10.75 -20.39 8.15
CA ILE A 288 9.92 -19.95 9.26
C ILE A 288 9.13 -21.15 9.77
N ASP A 289 9.11 -21.31 11.08
CA ASP A 289 8.32 -22.36 11.70
C ASP A 289 7.32 -21.73 12.66
N THR A 290 6.08 -22.21 12.61
CA THR A 290 5.03 -21.70 13.49
C THR A 290 4.24 -22.90 14.00
N PHE A 291 4.08 -22.98 15.32
CA PHE A 291 3.31 -24.04 15.96
C PHE A 291 2.19 -23.41 16.77
N VAL A 292 0.98 -23.95 16.66
CA VAL A 292 -0.17 -23.46 17.40
C VAL A 292 -0.53 -24.48 18.47
N VAL A 293 -1.16 -24.00 19.55
CA VAL A 293 -1.76 -24.86 20.56
C VAL A 293 -3.25 -24.94 20.31
N GLU A 294 -3.72 -26.10 19.84
CA GLU A 294 -5.14 -26.36 19.71
C GLU A 294 -5.58 -27.18 20.92
N ASN A 295 -6.48 -26.63 21.74
CA ASN A 295 -6.81 -27.21 23.03
C ASN A 295 -7.86 -28.31 22.87
N ALA A 296 -8.41 -28.77 24.00
CA ALA A 296 -9.31 -29.91 24.02
C ALA A 296 -10.66 -29.61 23.41
N ASN A 297 -11.01 -28.33 23.28
CA ASN A 297 -12.23 -27.89 22.62
C ASN A 297 -12.02 -27.57 21.15
N GLY A 298 -10.81 -27.70 20.64
CA GLY A 298 -10.54 -27.34 19.27
C GLY A 298 -10.22 -25.87 19.05
N GLU A 299 -9.94 -25.13 20.12
CA GLU A 299 -9.67 -23.71 20.04
C GLU A 299 -8.15 -23.49 20.01
N VAL A 300 -7.69 -22.66 19.08
CA VAL A 300 -6.28 -22.30 19.07
C VAL A 300 -6.08 -21.17 20.06
N THR A 301 -5.25 -21.41 21.08
CA THR A 301 -5.09 -20.44 22.17
C THR A 301 -3.69 -19.86 22.29
N ASP A 302 -2.68 -20.43 21.65
CA ASP A 302 -1.32 -19.91 21.74
C ASP A 302 -0.60 -20.25 20.45
N PHE A 303 0.50 -19.54 20.19
CA PHE A 303 1.41 -19.99 19.15
C PHE A 303 2.84 -19.52 19.42
N LEU A 304 3.79 -20.26 18.85
CA LEU A 304 5.20 -19.92 18.92
C LEU A 304 5.75 -19.93 17.50
N SER A 305 6.78 -19.11 17.26
CA SER A 305 7.38 -19.12 15.94
C SER A 305 8.85 -18.75 16.04
N PHE A 306 9.63 -19.30 15.11
CA PHE A 306 11.04 -18.96 15.01
C PHE A 306 11.47 -19.09 13.56
N TYR A 307 12.35 -18.21 13.12
CA TYR A 307 12.87 -18.31 11.76
C TYR A 307 14.28 -18.87 11.70
N THR A 308 14.66 -19.29 10.50
CA THR A 308 15.91 -20.01 10.26
C THR A 308 16.96 -19.07 9.67
N LEU A 309 18.06 -18.87 10.37
CA LEU A 309 19.13 -18.01 9.84
C LEU A 309 20.49 -18.59 10.19
N PRO A 310 21.07 -19.40 9.31
CA PRO A 310 22.39 -19.96 9.58
C PRO A 310 23.47 -18.90 9.38
N SER A 311 24.70 -19.27 9.72
CA SER A 311 25.83 -18.37 9.52
C SER A 311 27.04 -19.16 9.02
N THR A 312 27.86 -18.50 8.22
CA THR A 312 29.12 -19.08 7.78
C THR A 312 30.12 -19.03 8.95
N ILE A 313 30.84 -20.12 9.15
CA ILE A 313 31.96 -20.13 10.09
C ILE A 313 33.22 -19.88 9.27
N MET A 314 33.83 -18.73 9.46
CA MET A 314 34.90 -18.35 8.54
C MET A 314 36.23 -18.96 8.96
N ASN A 315 37.00 -19.40 7.96
CA ASN A 315 38.37 -19.87 8.15
C ASN A 315 38.45 -21.13 8.99
N HIS A 316 37.44 -22.00 8.92
CA HIS A 316 37.47 -23.19 9.75
C HIS A 316 37.58 -24.43 8.88
N PRO A 317 38.55 -25.30 9.17
CA PRO A 317 38.77 -26.47 8.29
C PRO A 317 37.63 -27.48 8.28
N THR A 318 36.94 -27.67 9.41
CA THR A 318 35.99 -28.77 9.52
C THR A 318 34.53 -28.32 9.58
N HIS A 319 34.21 -27.34 10.42
CA HIS A 319 32.85 -26.82 10.53
C HIS A 319 32.70 -25.56 9.67
N LYS A 320 31.78 -25.61 8.72
CA LYS A 320 31.58 -24.51 7.78
C LYS A 320 30.39 -23.62 8.11
N SER A 321 29.44 -24.08 8.91
CA SER A 321 28.22 -23.31 9.13
C SER A 321 27.63 -23.59 10.50
N LEU A 322 26.98 -22.57 11.06
CA LEU A 322 26.20 -22.65 12.29
C LEU A 322 24.71 -22.54 11.97
N LYS A 323 23.90 -23.48 12.44
CA LYS A 323 22.47 -23.45 12.17
C LYS A 323 21.76 -22.80 13.36
N ALA A 324 21.30 -21.56 13.17
CA ALA A 324 20.71 -20.77 14.23
C ALA A 324 19.21 -20.63 14.02
N ALA A 325 18.44 -20.76 15.11
CA ALA A 325 17.02 -20.43 15.11
C ALA A 325 16.83 -19.12 15.85
N TYR A 326 15.92 -18.28 15.34
CA TYR A 326 15.66 -16.97 15.94
C TYR A 326 14.21 -16.88 16.37
N SER A 327 13.99 -16.59 17.66
CA SER A 327 12.66 -16.30 18.18
C SER A 327 11.97 -15.21 17.35
N PHE A 328 10.72 -15.47 16.94
CA PHE A 328 10.00 -14.55 16.09
C PHE A 328 8.93 -13.91 16.96
N TYR A 329 7.67 -14.33 16.86
CA TYR A 329 6.62 -13.85 17.75
C TYR A 329 6.02 -15.04 18.50
N ASN A 330 5.84 -14.88 19.81
CA ASN A 330 5.30 -15.93 20.67
C ASN A 330 4.14 -15.35 21.45
N VAL A 331 2.96 -15.90 21.24
CA VAL A 331 1.73 -15.38 21.84
C VAL A 331 1.17 -16.45 22.75
N HIS A 332 0.89 -16.08 23.99
CA HIS A 332 0.31 -16.96 24.99
C HIS A 332 -0.96 -16.33 25.55
N THR A 333 -2.03 -17.12 25.62
CA THR A 333 -3.24 -16.76 26.37
C THR A 333 -3.69 -17.84 27.35
N GLN A 334 -3.25 -19.08 27.21
CA GLN A 334 -3.61 -20.16 28.14
C GLN A 334 -2.39 -20.96 28.58
N THR A 335 -1.49 -21.26 27.67
CA THR A 335 -0.24 -21.92 27.97
C THR A 335 0.75 -20.91 28.54
N PRO A 336 1.47 -21.23 29.62
CA PRO A 336 2.49 -20.31 30.13
C PRO A 336 3.57 -20.06 29.09
N LEU A 337 4.03 -18.81 29.02
CA LEU A 337 5.09 -18.45 28.09
C LEU A 337 6.32 -19.34 28.28
N LEU A 338 6.70 -19.59 29.54
CA LEU A 338 7.83 -20.47 29.82
C LEU A 338 7.65 -21.85 29.18
N ASP A 339 6.47 -22.45 29.34
CA ASP A 339 6.22 -23.74 28.70
C ASP A 339 6.24 -23.61 27.18
N LEU A 340 5.68 -22.53 26.65
CA LEU A 340 5.71 -22.32 25.21
C LEU A 340 7.16 -22.29 24.70
N MET A 341 8.02 -21.50 25.35
CA MET A 341 9.38 -21.34 24.87
C MET A 341 10.22 -22.59 25.10
N SER A 342 9.92 -23.33 26.18
CA SER A 342 10.58 -24.60 26.38
C SER A 342 10.28 -25.56 25.24
N ASP A 343 9.05 -25.52 24.72
CA ASP A 343 8.73 -26.35 23.56
C ASP A 343 9.41 -25.84 22.30
N ALA A 344 9.60 -24.53 22.19
CA ALA A 344 10.34 -24.00 21.04
C ALA A 344 11.75 -24.53 21.03
N LEU A 345 12.39 -24.58 22.21
CA LEU A 345 13.75 -25.11 22.30
C LEU A 345 13.78 -26.56 21.86
N VAL A 346 12.83 -27.36 22.33
CA VAL A 346 12.79 -28.78 21.95
C VAL A 346 12.57 -28.92 20.45
N LEU A 347 11.67 -28.13 19.88
CA LEU A 347 11.41 -28.23 18.45
C LEU A 347 12.65 -27.84 17.64
N ALA A 348 13.35 -26.76 18.05
CA ALA A 348 14.58 -26.38 17.38
C ALA A 348 15.62 -27.48 17.47
N LYS A 349 15.80 -28.07 18.66
CA LYS A 349 16.72 -29.19 18.81
C LYS A 349 16.36 -30.32 17.84
N MET A 350 15.09 -30.72 17.82
CA MET A 350 14.64 -31.77 16.90
C MET A 350 14.97 -31.44 15.45
N LYS A 351 14.86 -30.17 15.07
CA LYS A 351 15.06 -29.80 13.68
C LYS A 351 16.53 -29.60 13.32
N GLY A 352 17.46 -29.85 14.23
CA GLY A 352 18.86 -29.82 13.88
C GLY A 352 19.58 -28.52 14.13
N PHE A 353 18.95 -27.57 14.82
CA PHE A 353 19.59 -26.27 15.06
C PHE A 353 20.67 -26.39 16.14
N ASP A 354 21.74 -25.59 16.01
CA ASP A 354 22.83 -25.63 16.98
C ASP A 354 22.61 -24.67 18.13
N VAL A 355 21.86 -23.60 17.92
CA VAL A 355 21.67 -22.56 18.92
C VAL A 355 20.30 -21.95 18.67
N PHE A 356 19.69 -21.41 19.72
CA PHE A 356 18.41 -20.72 19.63
C PHE A 356 18.64 -19.32 20.18
N ASN A 357 18.41 -18.31 19.34
CA ASN A 357 18.62 -16.92 19.73
C ASN A 357 17.30 -16.22 20.00
N ALA A 358 17.33 -15.28 20.94
CA ALA A 358 16.15 -14.50 21.30
C ALA A 358 16.61 -13.18 21.89
N LEU A 359 15.86 -12.12 21.62
CA LEU A 359 16.15 -10.81 22.17
C LEU A 359 15.44 -10.68 23.52
N ASP A 360 15.79 -9.62 24.26
CA ASP A 360 15.16 -9.36 25.54
C ASP A 360 13.94 -8.45 25.44
N LEU A 361 13.35 -8.32 24.26
CA LEU A 361 12.18 -7.49 24.06
C LEU A 361 10.91 -8.25 24.44
N MET A 362 9.76 -7.59 24.29
CA MET A 362 8.45 -8.14 24.71
C MET A 362 8.63 -8.72 26.10
N GLU A 363 8.14 -9.93 26.39
CA GLU A 363 8.21 -10.50 27.72
C GLU A 363 9.34 -11.50 27.86
N ASN A 364 10.32 -11.45 26.97
CA ASN A 364 11.31 -12.52 26.91
C ASN A 364 12.17 -12.58 28.16
N LYS A 365 12.36 -11.45 28.86
CA LYS A 365 13.18 -11.46 30.07
C LYS A 365 12.63 -12.42 31.12
N THR A 366 11.31 -12.65 31.12
CA THR A 366 10.70 -13.57 32.08
C THR A 366 11.08 -15.03 31.86
N PHE A 367 11.67 -15.40 30.71
CA PHE A 367 12.07 -16.79 30.53
C PHE A 367 13.53 -16.99 30.18
N LEU A 368 14.28 -15.94 29.84
CA LEU A 368 15.60 -16.14 29.26
C LEU A 368 16.53 -16.87 30.23
N GLU A 369 16.59 -16.41 31.47
CA GLU A 369 17.51 -17.03 32.42
C GLU A 369 17.00 -18.40 32.85
N LYS A 370 15.71 -18.52 33.16
CA LYS A 370 15.18 -19.82 33.56
C LYS A 370 15.39 -20.89 32.51
N LEU A 371 15.37 -20.53 31.22
CA LEU A 371 15.55 -21.56 30.21
C LEU A 371 17.00 -21.71 29.79
N LYS A 372 17.93 -21.10 30.54
CA LYS A 372 19.37 -21.28 30.36
C LYS A 372 19.90 -20.60 29.10
N PHE A 373 19.34 -19.45 28.75
CA PHE A 373 19.97 -18.61 27.75
C PHE A 373 21.18 -17.92 28.39
N GLY A 374 22.21 -17.67 27.58
CA GLY A 374 23.36 -16.86 27.99
C GLY A 374 23.38 -15.53 27.25
N ILE A 375 23.60 -14.46 28.00
CA ILE A 375 23.59 -13.13 27.41
C ILE A 375 24.66 -13.01 26.35
N GLY A 376 24.34 -12.34 25.25
CA GLY A 376 25.28 -12.19 24.17
C GLY A 376 26.07 -10.90 24.25
N ASP A 377 27.04 -10.77 23.37
CA ASP A 377 27.82 -9.54 23.27
C ASP A 377 27.19 -8.50 22.34
N GLY A 378 26.04 -8.80 21.74
CA GLY A 378 25.50 -7.92 20.72
C GLY A 378 24.22 -7.20 21.12
N ASN A 379 24.28 -5.87 21.13
CA ASN A 379 23.06 -5.06 21.18
C ASN A 379 22.48 -4.88 19.79
N LEU A 380 21.15 -4.94 19.72
CA LEU A 380 20.41 -4.59 18.51
C LEU A 380 19.63 -3.32 18.79
N GLN A 381 20.05 -2.23 18.15
CA GLN A 381 19.40 -0.93 18.32
C GLN A 381 18.24 -0.80 17.35
N TYR A 382 17.14 -0.20 17.82
CA TYR A 382 15.96 0.05 16.99
C TYR A 382 15.86 1.54 16.70
N TYR A 383 15.50 1.86 15.46
CA TYR A 383 15.48 3.23 15.00
C TYR A 383 14.23 3.54 14.19
N LEU A 384 13.74 4.77 14.34
CA LEU A 384 12.74 5.34 13.47
C LEU A 384 13.34 6.50 12.68
N TYR A 385 12.93 6.65 11.42
CA TYR A 385 13.37 7.73 10.55
C TYR A 385 12.24 8.73 10.42
N ASN A 386 12.53 9.99 10.68
CA ASN A 386 11.56 11.10 10.58
C ASN A 386 10.40 10.90 11.55
N TRP A 387 10.69 10.36 12.73
CA TRP A 387 9.67 10.27 13.77
C TRP A 387 10.33 10.49 15.13
N LYS A 388 9.85 11.49 15.85
CA LYS A 388 10.41 11.88 17.14
C LYS A 388 9.47 11.40 18.25
N CYS A 389 10.01 10.62 19.17
CA CYS A 389 9.21 10.10 20.27
C CYS A 389 10.16 9.64 21.36
N PRO A 390 9.68 9.52 22.61
CA PRO A 390 10.52 9.01 23.69
C PRO A 390 11.05 7.61 23.41
N SER A 391 12.28 7.36 23.82
CA SER A 391 12.78 6.00 23.81
C SER A 391 11.98 5.14 24.79
N MET A 392 12.14 3.82 24.68
CA MET A 392 11.39 2.89 25.49
C MET A 392 12.32 1.77 25.92
N GLY A 393 11.96 1.11 27.01
CA GLY A 393 12.72 -0.05 27.42
C GLY A 393 12.47 -1.23 26.49
N ALA A 394 13.45 -2.14 26.47
CA ALA A 394 13.38 -3.29 25.57
C ALA A 394 12.05 -4.02 25.69
N GLU A 395 11.52 -4.11 26.91
CA GLU A 395 10.31 -4.89 27.15
C GLU A 395 9.06 -4.25 26.54
N LYS A 396 9.15 -3.03 26.02
CA LYS A 396 8.03 -2.41 25.32
C LYS A 396 8.20 -2.46 23.80
N VAL A 397 9.28 -3.04 23.30
CA VAL A 397 9.45 -3.22 21.86
C VAL A 397 8.76 -4.53 21.48
N GLY A 398 7.78 -4.44 20.57
CA GLY A 398 7.05 -5.61 20.15
C GLY A 398 7.14 -5.81 18.65
N LEU A 399 8.36 -5.75 18.12
CA LEU A 399 8.61 -5.78 16.69
C LEU A 399 9.89 -6.54 16.43
N VAL A 400 9.82 -7.54 15.55
CA VAL A 400 10.95 -8.40 15.23
C VAL A 400 11.15 -8.41 13.72
N LEU A 401 12.34 -8.04 13.27
CA LEU A 401 12.71 -8.02 11.87
C LEU A 401 13.66 -9.19 11.56
N GLN A 402 13.93 -9.39 10.28
CA GLN A 402 14.77 -10.53 9.83
C GLN A 402 16.26 -10.17 9.82
N GLY B 10 -37.71 0.46 -6.26
CA GLY B 10 -36.69 0.19 -7.25
C GLY B 10 -35.51 1.14 -7.12
N PRO B 11 -34.82 1.41 -8.23
CA PRO B 11 -33.68 2.35 -8.17
C PRO B 11 -34.17 3.77 -7.88
N ALA B 12 -33.86 4.29 -6.70
CA ALA B 12 -34.22 5.64 -6.33
C ALA B 12 -33.17 6.61 -6.89
N LYS B 13 -33.60 7.58 -7.69
CA LYS B 13 -32.68 8.59 -8.20
C LYS B 13 -32.82 9.93 -7.48
N THR B 14 -33.84 10.10 -6.65
CA THR B 14 -34.00 11.29 -5.82
C THR B 14 -34.11 10.89 -4.36
N MET B 15 -33.89 11.87 -3.48
CA MET B 15 -33.93 11.59 -2.04
C MET B 15 -35.35 11.40 -1.53
N GLU B 16 -36.35 12.02 -2.17
CA GLU B 16 -37.71 11.81 -1.73
C GLU B 16 -38.22 10.43 -2.15
N GLU B 17 -37.84 9.98 -3.36
CA GLU B 17 -38.08 8.59 -3.73
C GLU B 17 -37.34 7.64 -2.79
N ALA B 18 -36.14 8.04 -2.37
CA ALA B 18 -35.29 7.15 -1.58
C ALA B 18 -35.90 6.85 -0.21
N SER B 19 -36.41 7.87 0.48
CA SER B 19 -36.97 7.65 1.80
C SER B 19 -38.31 6.93 1.77
N LYS B 20 -38.92 6.78 0.59
CA LYS B 20 -40.09 5.92 0.42
C LYS B 20 -39.71 4.48 0.08
N ARG B 21 -38.49 4.06 0.43
CA ARG B 21 -37.96 2.73 0.14
C ARG B 21 -37.52 2.04 1.43
N SER B 22 -37.26 0.74 1.31
CA SER B 22 -36.54 -0.04 2.31
C SER B 22 -35.37 -0.73 1.63
N TYR B 23 -34.25 -0.84 2.34
CA TYR B 23 -32.99 -1.32 1.77
C TYR B 23 -32.57 -2.61 2.47
N GLN B 24 -33.07 -3.75 1.98
CA GLN B 24 -32.78 -5.03 2.62
C GLN B 24 -31.28 -5.29 2.71
N PHE B 25 -30.53 -4.96 1.65
CA PHE B 25 -29.08 -5.16 1.74
C PHE B 25 -28.40 -4.04 2.55
N TRP B 26 -28.61 -2.78 2.18
CA TRP B 26 -27.82 -1.71 2.78
C TRP B 26 -28.09 -1.51 4.25
N ASP B 27 -29.27 -1.93 4.74
CA ASP B 27 -29.54 -1.89 6.17
C ASP B 27 -28.64 -2.83 6.96
N THR B 28 -28.10 -3.87 6.33
CA THR B 28 -27.14 -4.74 7.00
C THR B 28 -25.72 -4.19 6.97
N GLN B 29 -25.46 -3.09 6.29
CA GLN B 29 -24.08 -2.66 6.06
C GLN B 29 -23.67 -1.55 7.02
N PRO B 30 -22.33 -1.36 7.23
CA PRO B 30 -21.90 -0.31 8.17
C PRO B 30 -21.85 1.06 7.51
N VAL B 31 -23.04 1.57 7.17
CA VAL B 31 -23.27 2.90 6.60
C VAL B 31 -24.41 3.56 7.38
N PRO B 32 -24.43 4.88 7.53
CA PRO B 32 -25.51 5.52 8.29
C PRO B 32 -26.86 5.41 7.57
N LYS B 33 -27.94 5.51 8.35
CA LYS B 33 -29.28 5.42 7.77
C LYS B 33 -29.64 6.69 7.02
N LEU B 34 -30.50 6.53 6.01
CA LEU B 34 -30.81 7.63 5.11
C LEU B 34 -31.35 8.83 5.87
N GLY B 35 -32.21 8.60 6.85
CA GLY B 35 -32.83 9.72 7.55
C GLY B 35 -31.88 10.46 8.46
N GLU B 36 -30.99 9.72 9.13
CA GLU B 36 -30.24 10.29 10.24
C GLU B 36 -29.33 11.43 9.76
N VAL B 37 -29.31 12.50 10.53
CA VAL B 37 -28.33 13.55 10.37
C VAL B 37 -27.15 13.18 11.25
N VAL B 38 -25.95 13.32 10.71
CA VAL B 38 -24.74 12.80 11.33
C VAL B 38 -23.92 13.98 11.84
N ASN B 39 -23.45 13.89 13.07
CA ASN B 39 -22.58 14.93 13.58
C ASN B 39 -21.26 14.40 14.12
N THR B 40 -21.04 13.09 14.08
CA THR B 40 -19.79 12.47 14.50
C THR B 40 -18.84 12.27 13.32
N HIS B 41 -17.60 11.85 13.62
CA HIS B 41 -16.59 11.56 12.60
C HIS B 41 -15.87 10.26 12.98
N GLY B 42 -16.12 9.18 12.25
CA GLY B 42 -15.35 7.98 12.46
C GLY B 42 -15.98 6.69 11.97
N PRO B 43 -15.31 5.56 12.23
CA PRO B 43 -15.80 4.28 11.71
C PRO B 43 -17.14 3.89 12.31
N VAL B 44 -17.93 3.16 11.53
CA VAL B 44 -19.17 2.61 12.06
C VAL B 44 -18.90 1.35 12.87
N GLU B 45 -17.96 0.52 12.44
CA GLU B 45 -17.64 -0.74 13.10
C GLU B 45 -16.13 -0.91 13.20
N PRO B 46 -15.66 -1.71 14.15
CA PRO B 46 -14.20 -1.87 14.34
C PRO B 46 -13.52 -2.54 13.14
N ASP B 47 -12.23 -2.25 12.99
CA ASP B 47 -11.38 -3.08 12.14
C ASP B 47 -11.51 -4.54 12.57
N LYS B 48 -11.55 -5.45 11.60
CA LYS B 48 -11.75 -6.87 11.89
C LYS B 48 -10.40 -7.57 12.04
N ASP B 49 -10.22 -8.29 13.13
CA ASP B 49 -8.96 -9.01 13.30
C ASP B 49 -9.07 -10.49 12.98
N ASN B 50 -10.23 -10.95 12.54
CA ASN B 50 -10.32 -12.22 11.82
C ASN B 50 -11.30 -12.05 10.67
N ILE B 51 -10.90 -12.53 9.50
CA ILE B 51 -11.63 -12.32 8.26
C ILE B 51 -12.01 -13.68 7.70
N ARG B 52 -13.25 -13.81 7.27
CA ARG B 52 -13.73 -14.94 6.48
C ARG B 52 -12.76 -15.33 5.37
N GLN B 53 -12.28 -16.57 5.40
CA GLN B 53 -11.29 -17.01 4.42
C GLN B 53 -11.93 -17.54 3.14
N GLU B 54 -13.19 -17.98 3.19
CA GLU B 54 -13.88 -18.57 2.07
C GLU B 54 -14.64 -17.51 1.29
N PRO B 55 -14.57 -17.54 -0.03
CA PRO B 55 -15.46 -16.69 -0.84
C PRO B 55 -16.93 -16.93 -0.51
N TYR B 56 -17.73 -15.87 -0.67
CA TYR B 56 -19.16 -16.00 -0.51
C TYR B 56 -19.75 -16.90 -1.60
N THR B 57 -20.90 -17.49 -1.27
CA THR B 57 -21.59 -18.39 -2.18
C THR B 57 -22.32 -17.62 -3.27
N LEU B 58 -22.04 -17.95 -4.52
CA LEU B 58 -22.78 -17.47 -5.68
C LEU B 58 -23.96 -18.37 -5.98
N PRO B 59 -24.95 -17.89 -6.76
CA PRO B 59 -26.01 -18.80 -7.24
C PRO B 59 -25.41 -19.98 -7.96
N GLN B 60 -26.14 -21.10 -8.00
CA GLN B 60 -25.61 -22.31 -8.60
C GLN B 60 -25.32 -22.07 -10.08
N GLY B 61 -24.18 -22.55 -10.55
CA GLY B 61 -23.81 -22.36 -11.94
C GLY B 61 -22.95 -21.15 -12.23
N PHE B 62 -22.47 -20.45 -11.18
CA PHE B 62 -21.62 -19.28 -11.32
C PHE B 62 -20.45 -19.41 -10.35
N THR B 63 -19.31 -18.82 -10.72
CA THR B 63 -18.09 -18.94 -9.92
C THR B 63 -17.30 -17.63 -9.99
N TRP B 64 -16.49 -17.39 -8.96
CA TRP B 64 -15.57 -16.26 -8.92
C TRP B 64 -14.37 -16.47 -9.84
N ASP B 65 -13.81 -15.35 -10.31
CA ASP B 65 -12.54 -15.38 -11.04
C ASP B 65 -11.90 -14.01 -10.99
N ALA B 66 -10.65 -13.94 -10.53
CA ALA B 66 -9.89 -12.71 -10.57
C ALA B 66 -9.40 -12.44 -11.99
N LEU B 67 -9.66 -11.26 -12.53
CA LEU B 67 -9.34 -10.98 -13.92
C LEU B 67 -7.95 -10.36 -13.99
N ASP B 68 -7.01 -11.08 -14.59
CA ASP B 68 -5.70 -10.49 -14.90
C ASP B 68 -5.79 -9.71 -16.20
N LEU B 69 -5.80 -8.38 -16.12
CA LEU B 69 -6.02 -7.55 -17.29
C LEU B 69 -4.79 -7.42 -18.18
N GLY B 70 -3.61 -7.83 -17.70
CA GLY B 70 -2.46 -7.97 -18.57
C GLY B 70 -2.69 -9.00 -19.65
N ASP B 71 -3.58 -9.95 -19.39
CA ASP B 71 -4.03 -10.87 -20.43
C ASP B 71 -4.97 -10.14 -21.38
N ARG B 72 -4.55 -10.02 -22.65
CA ARG B 72 -5.31 -9.23 -23.61
C ARG B 72 -6.71 -9.79 -23.82
N GLY B 73 -6.84 -11.12 -23.86
CA GLY B 73 -8.15 -11.74 -24.04
C GLY B 73 -9.07 -11.50 -22.86
N VAL B 74 -8.53 -11.54 -21.65
CA VAL B 74 -9.33 -11.25 -20.46
C VAL B 74 -9.79 -9.79 -20.44
N LEU B 75 -8.89 -8.87 -20.82
CA LEU B 75 -9.26 -7.46 -20.87
C LEU B 75 -10.37 -7.22 -21.88
N LYS B 76 -10.32 -7.94 -23.00
CA LYS B 76 -11.37 -7.80 -24.00
C LYS B 76 -12.70 -8.32 -23.47
N GLU B 77 -12.69 -9.42 -22.69
CA GLU B 77 -13.94 -9.89 -22.09
C GLU B 77 -14.55 -8.82 -21.18
N LEU B 78 -13.72 -8.17 -20.36
CA LEU B 78 -14.23 -7.12 -19.47
C LEU B 78 -14.76 -5.95 -20.28
N TYR B 79 -13.97 -5.47 -21.25
CA TYR B 79 -14.44 -4.41 -22.14
C TYR B 79 -15.79 -4.78 -22.73
N THR B 80 -16.00 -6.05 -23.06
CA THR B 80 -17.24 -6.44 -23.71
C THR B 80 -18.40 -6.46 -22.73
N LEU B 81 -18.17 -6.99 -21.51
CA LEU B 81 -19.19 -6.93 -20.48
C LEU B 81 -19.59 -5.48 -20.19
N LEU B 82 -18.62 -4.59 -20.01
CA LEU B 82 -18.97 -3.20 -19.69
C LEU B 82 -19.63 -2.52 -20.88
N ASN B 83 -19.10 -2.72 -22.10
CA ASN B 83 -19.66 -2.04 -23.26
C ASN B 83 -21.10 -2.47 -23.51
N GLU B 84 -21.49 -3.68 -23.09
CA GLU B 84 -22.85 -4.14 -23.35
C GLU B 84 -23.79 -4.03 -22.16
N ASN B 85 -23.27 -3.87 -20.94
CA ASN B 85 -24.11 -3.95 -19.76
C ASN B 85 -23.88 -2.85 -18.71
N TYR B 86 -22.99 -1.88 -18.94
CA TYR B 86 -22.65 -0.94 -17.88
C TYR B 86 -23.65 0.23 -17.89
N VAL B 87 -23.26 1.37 -17.30
CA VAL B 87 -24.20 2.43 -16.96
C VAL B 87 -24.77 3.05 -18.22
N GLU B 88 -26.08 3.32 -18.21
CA GLU B 88 -26.76 4.03 -19.28
C GLU B 88 -27.37 5.33 -18.75
N ASP B 89 -27.59 6.28 -19.64
CA ASP B 89 -28.39 7.45 -19.30
C ASP B 89 -29.83 7.05 -19.04
N ASP B 90 -30.54 7.86 -18.26
CA ASP B 90 -31.89 7.49 -17.85
C ASP B 90 -32.82 7.19 -19.03
N ASP B 91 -32.57 7.76 -20.20
CA ASP B 91 -33.42 7.52 -21.36
C ASP B 91 -32.96 6.34 -22.20
N ASN B 92 -32.01 5.55 -21.71
CA ASN B 92 -31.52 4.35 -22.40
C ASN B 92 -31.14 4.64 -23.86
N MET B 93 -30.49 5.79 -24.07
CA MET B 93 -30.04 6.16 -25.40
C MET B 93 -28.52 6.14 -25.57
N PHE B 94 -27.76 6.25 -24.47
CA PHE B 94 -26.30 6.20 -24.53
C PHE B 94 -25.75 5.36 -23.39
N ARG B 95 -24.69 4.60 -23.69
CA ARG B 95 -23.96 3.80 -22.71
C ARG B 95 -22.47 4.14 -22.79
N PHE B 96 -21.83 4.26 -21.62
CA PHE B 96 -20.39 4.37 -21.56
C PHE B 96 -19.72 3.30 -22.42
N ASP B 97 -18.68 3.71 -23.15
CA ASP B 97 -17.91 2.82 -24.03
C ASP B 97 -16.43 2.88 -23.61
N TYR B 98 -16.14 2.32 -22.44
CA TYR B 98 -14.78 2.33 -21.91
C TYR B 98 -13.85 1.53 -22.81
N SER B 99 -12.71 2.11 -23.20
CA SER B 99 -11.76 1.38 -24.04
C SER B 99 -10.88 0.46 -23.19
N PRO B 100 -10.26 -0.56 -23.81
CA PRO B 100 -9.32 -1.40 -23.05
C PRO B 100 -8.18 -0.62 -22.42
N GLU B 101 -7.63 0.34 -23.15
CA GLU B 101 -6.53 1.15 -22.63
C GLU B 101 -7.02 2.04 -21.49
N PHE B 102 -8.24 2.56 -21.58
CA PHE B 102 -8.80 3.32 -20.47
C PHE B 102 -8.94 2.43 -19.24
N LEU B 103 -9.44 1.20 -19.42
CA LEU B 103 -9.63 0.30 -18.29
C LEU B 103 -8.31 -0.02 -17.58
N LEU B 104 -7.23 -0.26 -18.34
CA LEU B 104 -5.91 -0.45 -17.70
C LEU B 104 -5.49 0.76 -16.87
N TRP B 105 -5.76 1.96 -17.37
CA TRP B 105 -5.46 3.17 -16.61
C TRP B 105 -6.27 3.24 -15.33
N ALA B 106 -7.59 3.02 -15.44
CA ALA B 106 -8.49 3.10 -14.29
C ALA B 106 -8.27 1.96 -13.29
N LEU B 107 -7.88 0.78 -13.77
CA LEU B 107 -7.81 -0.41 -12.92
C LEU B 107 -6.40 -0.86 -12.54
N ARG B 108 -5.35 -0.24 -13.09
CA ARG B 108 -3.99 -0.54 -12.63
C ARG B 108 -3.21 0.70 -12.20
N PRO B 109 -3.74 1.50 -11.29
CA PRO B 109 -2.93 2.54 -10.67
C PRO B 109 -1.91 1.92 -9.75
N PRO B 110 -0.97 2.71 -9.23
CA PRO B 110 -0.01 2.17 -8.23
C PRO B 110 -0.73 1.45 -7.09
N GLY B 111 -0.25 0.26 -6.75
CA GLY B 111 -0.83 -0.55 -5.69
C GLY B 111 -1.98 -1.44 -6.08
N TRP B 112 -2.30 -1.54 -7.37
CA TRP B 112 -3.41 -2.38 -7.77
C TRP B 112 -3.13 -3.85 -7.44
N LEU B 113 -4.21 -4.62 -7.26
CA LEU B 113 -4.11 -6.01 -6.90
C LEU B 113 -4.99 -6.83 -7.84
N PRO B 114 -4.49 -7.94 -8.39
CA PRO B 114 -5.34 -8.72 -9.30
C PRO B 114 -6.57 -9.28 -8.60
N GLN B 115 -6.45 -9.66 -7.32
CA GLN B 115 -7.63 -10.20 -6.64
C GLN B 115 -8.71 -9.14 -6.44
N TRP B 116 -8.41 -7.85 -6.61
CA TRP B 116 -9.43 -6.83 -6.53
C TRP B 116 -10.09 -6.54 -7.88
N HIS B 117 -9.77 -7.33 -8.92
CA HIS B 117 -10.50 -7.31 -10.20
C HIS B 117 -11.40 -8.52 -10.18
N CYS B 118 -12.55 -8.36 -9.54
CA CYS B 118 -13.34 -9.50 -9.05
C CYS B 118 -14.47 -9.78 -10.03
N GLY B 119 -14.32 -10.84 -10.84
CA GLY B 119 -15.31 -11.22 -11.83
C GLY B 119 -16.15 -12.41 -11.40
N VAL B 120 -17.32 -12.55 -12.06
CA VAL B 120 -18.19 -13.70 -11.95
C VAL B 120 -18.31 -14.33 -13.34
N ARG B 121 -18.14 -15.65 -13.42
CA ARG B 121 -18.26 -16.38 -14.68
C ARG B 121 -19.28 -17.51 -14.55
N VAL B 122 -19.97 -17.78 -15.66
CA VAL B 122 -20.74 -19.03 -15.79
C VAL B 122 -19.79 -20.20 -15.64
N VAL B 123 -20.19 -21.20 -14.83
CA VAL B 123 -19.27 -22.31 -14.56
C VAL B 123 -18.98 -23.09 -15.82
N SER B 124 -20.03 -23.43 -16.60
CA SER B 124 -19.84 -24.34 -17.73
C SER B 124 -19.16 -23.66 -18.92
N SER B 125 -19.57 -22.44 -19.26
CA SER B 125 -19.06 -21.75 -20.43
C SER B 125 -17.90 -20.81 -20.14
N ARG B 126 -17.67 -20.47 -18.87
CA ARG B 126 -16.71 -19.46 -18.45
C ARG B 126 -17.03 -18.05 -18.96
N LYS B 127 -18.24 -17.81 -19.46
CA LYS B 127 -18.60 -16.46 -19.91
C LYS B 127 -18.55 -15.49 -18.73
N LEU B 128 -18.02 -14.30 -18.98
CA LEU B 128 -17.95 -13.27 -17.96
C LEU B 128 -19.30 -12.58 -17.85
N VAL B 129 -19.94 -12.68 -16.68
CA VAL B 129 -21.28 -12.14 -16.50
C VAL B 129 -21.38 -11.15 -15.34
N GLY B 130 -20.31 -10.91 -14.59
CA GLY B 130 -20.34 -9.95 -13.50
C GLY B 130 -18.96 -9.44 -13.15
N PHE B 131 -18.92 -8.24 -12.56
CA PHE B 131 -17.63 -7.65 -12.22
C PHE B 131 -17.80 -6.59 -11.15
N ILE B 132 -16.77 -6.45 -10.32
CA ILE B 132 -16.59 -5.30 -9.45
C ILE B 132 -15.11 -5.15 -9.15
N SER B 133 -14.68 -3.91 -8.90
CA SER B 133 -13.26 -3.64 -8.71
C SER B 133 -13.02 -2.73 -7.53
N ALA B 134 -11.85 -2.88 -6.95
CA ALA B 134 -11.30 -1.98 -5.94
C ALA B 134 -9.89 -1.59 -6.34
N ILE B 135 -9.53 -0.31 -6.14
CA ILE B 135 -8.15 0.14 -6.26
C ILE B 135 -7.81 0.90 -4.98
N PRO B 136 -6.56 0.90 -4.53
CA PRO B 136 -6.24 1.58 -3.29
C PRO B 136 -6.17 3.08 -3.50
N ALA B 137 -6.46 3.81 -2.42
CA ALA B 137 -6.33 5.27 -2.44
C ALA B 137 -6.26 5.78 -1.01
N ASN B 138 -5.42 6.78 -0.79
CA ASN B 138 -5.46 7.53 0.46
C ASN B 138 -6.49 8.64 0.31
N ILE B 139 -7.37 8.75 1.29
CA ILE B 139 -8.48 9.68 1.21
C ILE B 139 -8.41 10.61 2.40
N HIS B 140 -8.48 11.91 2.13
CA HIS B 140 -8.63 12.91 3.18
C HIS B 140 -10.12 13.21 3.33
N ILE B 141 -10.66 12.96 4.50
CA ILE B 141 -12.08 13.22 4.77
C ILE B 141 -12.11 14.07 6.05
N TYR B 142 -12.55 15.33 5.91
CA TYR B 142 -12.48 16.33 6.98
C TYR B 142 -11.08 16.35 7.60
N ASP B 143 -10.94 15.98 8.87
CA ASP B 143 -9.65 16.08 9.53
C ASP B 143 -8.91 14.74 9.63
N THR B 144 -9.30 13.76 8.83
CA THR B 144 -8.68 12.44 8.86
C THR B 144 -8.18 12.05 7.47
N GLU B 145 -7.00 11.47 7.43
CA GLU B 145 -6.49 10.79 6.26
C GLU B 145 -6.49 9.30 6.53
N LYS B 146 -7.13 8.53 5.64
CA LYS B 146 -7.31 7.09 5.80
C LYS B 146 -6.94 6.41 4.49
N LYS B 147 -6.17 5.33 4.58
CA LYS B 147 -6.03 4.39 3.46
C LYS B 147 -7.39 3.72 3.22
N MET B 148 -7.93 3.88 2.02
CA MET B 148 -9.21 3.32 1.60
C MET B 148 -9.04 2.61 0.27
N VAL B 149 -10.14 2.08 -0.26
CA VAL B 149 -10.21 1.66 -1.66
C VAL B 149 -11.29 2.47 -2.35
N GLU B 150 -11.15 2.61 -3.66
CA GLU B 150 -12.20 3.14 -4.51
C GLU B 150 -12.86 1.99 -5.24
N ILE B 151 -14.18 1.88 -5.13
CA ILE B 151 -14.94 0.81 -5.76
C ILE B 151 -15.53 1.34 -7.05
N ASN B 152 -15.39 0.57 -8.12
CA ASN B 152 -15.87 1.02 -9.42
C ASN B 152 -16.27 -0.20 -10.25
N PHE B 153 -17.05 0.07 -11.31
CA PHE B 153 -17.34 -0.90 -12.37
C PHE B 153 -18.16 -2.09 -11.88
N LEU B 154 -18.98 -1.89 -10.86
CA LEU B 154 -19.99 -2.89 -10.53
C LEU B 154 -20.92 -3.07 -11.73
N CYS B 155 -20.97 -4.29 -12.24
CA CYS B 155 -21.70 -4.58 -13.48
C CYS B 155 -22.21 -6.01 -13.42
N VAL B 156 -23.51 -6.18 -13.67
CA VAL B 156 -24.12 -7.49 -13.78
C VAL B 156 -24.80 -7.58 -15.15
N HIS B 157 -24.50 -8.66 -15.89
CA HIS B 157 -25.12 -8.91 -17.19
C HIS B 157 -26.63 -8.69 -17.12
N LYS B 158 -27.17 -8.02 -18.14
CA LYS B 158 -28.60 -7.69 -18.19
C LYS B 158 -29.50 -8.91 -18.02
N LYS B 159 -29.05 -10.08 -18.46
CA LYS B 159 -29.86 -11.29 -18.33
C LYS B 159 -29.80 -11.88 -16.92
N LEU B 160 -28.97 -11.33 -16.04
CA LEU B 160 -28.81 -11.84 -14.68
C LEU B 160 -29.25 -10.82 -13.65
N ARG B 161 -29.85 -9.70 -14.07
CA ARG B 161 -30.25 -8.64 -13.15
C ARG B 161 -31.39 -9.10 -12.25
N SER B 162 -31.60 -8.34 -11.17
CA SER B 162 -32.68 -8.56 -10.21
C SER B 162 -32.65 -9.96 -9.60
N LYS B 163 -31.51 -10.64 -9.64
CA LYS B 163 -31.32 -11.92 -8.95
C LYS B 163 -30.42 -11.78 -7.73
N ARG B 164 -30.34 -10.57 -7.17
CA ARG B 164 -29.43 -10.18 -6.08
C ARG B 164 -28.02 -10.79 -6.22
N VAL B 165 -27.47 -10.71 -7.43
CA VAL B 165 -26.05 -10.96 -7.60
C VAL B 165 -25.22 -9.76 -7.11
N ALA B 166 -25.74 -8.53 -7.23
CA ALA B 166 -24.95 -7.36 -6.85
C ALA B 166 -24.59 -7.34 -5.36
N PRO B 167 -25.49 -7.68 -4.43
CA PRO B 167 -25.04 -7.77 -3.02
C PRO B 167 -23.93 -8.78 -2.80
N VAL B 168 -23.91 -9.87 -3.56
CA VAL B 168 -22.85 -10.86 -3.35
C VAL B 168 -21.52 -10.30 -3.84
N LEU B 169 -21.54 -9.61 -4.98
CA LEU B 169 -20.34 -8.93 -5.47
C LEU B 169 -19.84 -7.90 -4.46
N ILE B 170 -20.75 -7.18 -3.81
CA ILE B 170 -20.29 -6.15 -2.87
C ILE B 170 -19.66 -6.80 -1.66
N ARG B 171 -20.26 -7.86 -1.15
CA ARG B 171 -19.73 -8.56 0.02
C ARG B 171 -18.39 -9.22 -0.28
N GLU B 172 -18.23 -9.74 -1.49
CA GLU B 172 -16.99 -10.44 -1.81
C GLU B 172 -15.83 -9.45 -1.96
N ILE B 173 -16.04 -8.33 -2.65
CA ILE B 173 -14.94 -7.37 -2.74
C ILE B 173 -14.64 -6.79 -1.37
N THR B 174 -15.67 -6.60 -0.53
CA THR B 174 -15.45 -6.14 0.84
C THR B 174 -14.55 -7.12 1.60
N ARG B 175 -14.88 -8.41 1.51
CA ARG B 175 -14.05 -9.45 2.13
C ARG B 175 -12.62 -9.40 1.61
N ARG B 176 -12.45 -9.36 0.29
CA ARG B 176 -11.10 -9.34 -0.28
C ARG B 176 -10.33 -8.09 0.10
N VAL B 177 -11.02 -6.97 0.31
CA VAL B 177 -10.31 -5.76 0.75
C VAL B 177 -9.94 -5.86 2.22
N HIS B 178 -10.83 -6.41 3.04
CA HIS B 178 -10.54 -6.61 4.46
C HIS B 178 -9.28 -7.46 4.65
N LEU B 179 -9.09 -8.49 3.81
CA LEU B 179 -7.93 -9.37 3.93
C LEU B 179 -6.63 -8.60 3.81
N GLU B 180 -6.66 -7.46 3.14
CA GLU B 180 -5.48 -6.62 2.98
C GLU B 180 -5.44 -5.51 4.03
N GLY B 181 -6.28 -5.59 5.06
CA GLY B 181 -6.20 -4.65 6.16
C GLY B 181 -6.81 -3.29 5.89
N ILE B 182 -7.75 -3.18 4.96
CA ILE B 182 -8.41 -1.91 4.65
C ILE B 182 -9.87 -2.05 5.04
N PHE B 183 -10.43 -1.03 5.71
CA PHE B 183 -11.77 -1.12 6.28
C PHE B 183 -12.69 0.04 5.93
N GLN B 184 -12.27 0.94 5.04
CA GLN B 184 -13.10 2.02 4.52
C GLN B 184 -13.02 2.04 2.99
N ALA B 185 -14.06 2.59 2.36
CA ALA B 185 -14.10 2.71 0.90
C ALA B 185 -14.85 3.97 0.50
N VAL B 186 -14.56 4.46 -0.70
CA VAL B 186 -15.31 5.55 -1.32
C VAL B 186 -15.83 5.06 -2.66
N TYR B 187 -17.03 5.54 -3.04
CA TYR B 187 -17.64 5.16 -4.30
C TYR B 187 -18.71 6.17 -4.67
N THR B 188 -19.04 6.20 -5.95
CA THR B 188 -20.09 7.06 -6.48
C THR B 188 -21.13 6.18 -7.16
N ALA B 189 -22.36 6.70 -7.24
CA ALA B 189 -23.44 6.04 -7.96
C ALA B 189 -24.50 7.07 -8.35
N GLY B 190 -25.21 6.77 -9.44
CA GLY B 190 -26.32 7.58 -9.87
C GLY B 190 -27.60 7.37 -9.07
N VAL B 191 -27.67 6.32 -8.27
CA VAL B 191 -28.85 6.03 -7.48
C VAL B 191 -28.60 6.49 -6.05
N VAL B 192 -29.69 6.65 -5.29
CA VAL B 192 -29.62 7.04 -3.90
C VAL B 192 -29.62 5.79 -3.02
N LEU B 193 -28.66 5.71 -2.12
CA LEU B 193 -28.50 4.62 -1.18
C LEU B 193 -28.18 5.21 0.17
N PRO B 194 -28.34 4.45 1.26
CA PRO B 194 -27.74 4.92 2.51
C PRO B 194 -26.21 4.95 2.39
N LYS B 195 -25.55 6.08 2.62
CA LYS B 195 -26.14 7.41 2.68
C LYS B 195 -25.14 8.38 2.04
N PRO B 196 -25.61 9.23 1.12
CA PRO B 196 -24.68 10.12 0.41
C PRO B 196 -23.94 11.05 1.36
N VAL B 197 -22.63 11.13 1.19
CA VAL B 197 -21.88 12.17 1.89
C VAL B 197 -21.92 13.46 1.11
N GLY B 198 -22.32 13.40 -0.16
CA GLY B 198 -22.42 14.58 -1.02
C GLY B 198 -23.16 14.25 -2.30
N THR B 199 -23.84 15.24 -2.87
CA THR B 199 -24.57 15.06 -4.11
C THR B 199 -24.05 16.08 -5.11
N CYS B 200 -23.55 15.62 -6.25
CA CYS B 200 -23.11 16.51 -7.31
C CYS B 200 -23.99 16.32 -8.54
N ARG B 201 -23.96 17.31 -9.41
CA ARG B 201 -24.75 17.32 -10.62
C ARG B 201 -23.84 17.45 -11.82
N TYR B 202 -24.10 16.66 -12.86
CA TYR B 202 -23.39 16.79 -14.12
C TYR B 202 -23.92 17.96 -14.96
N TRP B 203 -23.00 18.66 -15.60
CA TRP B 203 -23.30 19.72 -16.55
C TRP B 203 -22.58 19.42 -17.86
N HIS B 204 -23.12 19.93 -18.96
CA HIS B 204 -22.66 19.56 -20.30
C HIS B 204 -22.42 20.80 -21.14
N ARG B 205 -21.28 20.84 -21.84
CA ARG B 205 -20.93 21.98 -22.69
C ARG B 205 -20.81 21.50 -24.13
N SER B 206 -21.77 21.86 -24.97
CA SER B 206 -21.75 21.45 -26.36
C SER B 206 -20.51 22.03 -27.02
N LEU B 207 -19.83 21.19 -27.79
CA LEU B 207 -18.74 21.63 -28.63
C LEU B 207 -19.02 21.42 -30.10
N ASN B 208 -19.76 20.37 -30.45
CA ASN B 208 -20.21 20.09 -31.80
C ASN B 208 -21.73 19.97 -31.75
N PRO B 209 -22.44 21.09 -31.71
CA PRO B 209 -23.91 21.03 -31.49
C PRO B 209 -24.65 20.29 -32.59
N ARG B 210 -24.20 20.39 -33.85
CA ARG B 210 -24.89 19.69 -34.93
C ARG B 210 -24.99 18.20 -34.65
N LYS B 211 -23.88 17.57 -34.26
CA LYS B 211 -23.91 16.14 -34.02
C LYS B 211 -24.68 15.79 -32.76
N LEU B 212 -24.57 16.61 -31.70
CA LEU B 212 -25.32 16.33 -30.48
C LEU B 212 -26.82 16.33 -30.74
N ILE B 213 -27.29 17.25 -31.59
CA ILE B 213 -28.71 17.36 -31.88
C ILE B 213 -29.16 16.21 -32.77
N GLU B 214 -28.31 15.79 -33.71
CA GLU B 214 -28.62 14.65 -34.57
C GLU B 214 -28.89 13.39 -33.76
N VAL B 215 -28.00 13.05 -32.82
CA VAL B 215 -28.14 11.81 -32.04
C VAL B 215 -29.00 12.04 -30.80
N LYS B 216 -29.62 13.21 -30.72
CA LYS B 216 -30.60 13.53 -29.67
C LYS B 216 -29.99 13.52 -28.27
N PHE B 217 -28.68 13.76 -28.17
CA PHE B 217 -28.09 14.10 -26.89
C PHE B 217 -28.63 15.44 -26.39
N SER B 218 -28.81 16.39 -27.30
CA SER B 218 -29.49 17.65 -26.99
C SER B 218 -30.51 17.93 -28.08
N HIS B 219 -31.19 19.06 -27.94
CA HIS B 219 -32.32 19.38 -28.79
C HIS B 219 -32.29 20.88 -29.09
N LEU B 220 -32.67 21.25 -30.32
CA LEU B 220 -32.84 22.66 -30.62
C LEU B 220 -33.78 23.29 -29.61
N SER B 221 -33.28 24.25 -28.82
CA SER B 221 -34.07 24.89 -27.77
C SER B 221 -35.37 25.47 -28.32
N ARG B 222 -35.61 25.31 -29.63
CA ARG B 222 -36.95 25.33 -30.20
C ARG B 222 -37.37 26.66 -30.77
N ASN B 223 -37.26 27.70 -29.94
CA ASN B 223 -37.26 29.06 -30.48
C ASN B 223 -36.01 29.30 -31.32
N MET B 224 -34.91 28.62 -30.98
CA MET B 224 -33.62 28.82 -31.63
C MET B 224 -33.48 28.00 -32.91
N THR B 225 -32.75 28.57 -33.87
CA THR B 225 -32.41 27.88 -35.09
C THR B 225 -31.10 27.11 -34.91
N MET B 226 -30.83 26.19 -35.84
CA MET B 226 -29.57 25.47 -35.84
C MET B 226 -28.40 26.44 -36.03
N GLN B 227 -28.51 27.34 -37.01
CA GLN B 227 -27.48 28.34 -37.26
C GLN B 227 -27.23 29.16 -36.01
N ARG B 228 -28.30 29.60 -35.34
CA ARG B 228 -28.14 30.36 -34.10
C ARG B 228 -27.44 29.52 -33.03
N THR B 229 -27.75 28.21 -32.99
CA THR B 229 -27.12 27.33 -32.01
C THR B 229 -25.62 27.23 -32.24
N MET B 230 -25.23 26.92 -33.49
CA MET B 230 -23.83 26.89 -33.89
C MET B 230 -23.08 28.13 -33.40
N LYS B 231 -23.61 29.31 -33.72
CA LYS B 231 -22.90 30.54 -33.38
C LYS B 231 -22.77 30.69 -31.86
N LEU B 232 -23.81 30.33 -31.11
CA LEU B 232 -23.78 30.53 -29.67
C LEU B 232 -22.68 29.72 -29.00
N TYR B 233 -22.37 28.54 -29.54
CA TYR B 233 -21.40 27.64 -28.93
C TYR B 233 -20.04 27.73 -29.58
N ARG B 234 -19.86 28.60 -30.56
CA ARG B 234 -18.58 28.71 -31.26
C ARG B 234 -17.47 29.03 -30.27
N LEU B 235 -16.32 28.40 -30.48
CA LEU B 235 -15.13 28.63 -29.68
C LEU B 235 -13.99 29.11 -30.56
N PRO B 236 -13.06 29.89 -30.00
CA PRO B 236 -11.80 30.19 -30.70
C PRO B 236 -11.07 28.93 -31.12
N GLU B 237 -10.10 29.11 -32.02
CA GLU B 237 -9.36 27.98 -32.55
C GLU B 237 -8.13 27.62 -31.73
N THR B 238 -7.62 28.54 -30.92
CA THR B 238 -6.44 28.30 -30.11
C THR B 238 -6.69 28.89 -28.72
N PRO B 239 -6.10 28.31 -27.68
CA PRO B 239 -6.32 28.81 -26.32
C PRO B 239 -5.75 30.22 -26.15
N LYS B 240 -6.23 30.89 -25.10
CA LYS B 240 -5.83 32.26 -24.80
C LYS B 240 -4.70 32.36 -23.79
N THR B 241 -4.56 31.38 -22.88
CA THR B 241 -3.61 31.51 -21.79
C THR B 241 -2.18 31.35 -22.27
N ALA B 242 -1.36 32.34 -21.90
CA ALA B 242 0.07 32.37 -22.22
C ALA B 242 0.81 31.23 -21.54
N GLY B 243 1.53 30.44 -22.32
CA GLY B 243 2.39 29.43 -21.75
C GLY B 243 1.78 28.07 -21.61
N LEU B 244 0.58 27.87 -22.14
CA LEU B 244 -0.07 26.57 -22.02
C LEU B 244 0.62 25.57 -22.93
N ARG B 245 0.92 24.39 -22.39
CA ARG B 245 1.57 23.32 -23.13
C ARG B 245 1.21 21.99 -22.49
N PRO B 246 1.32 20.89 -23.22
CA PRO B 246 1.08 19.58 -22.60
C PRO B 246 2.01 19.33 -21.43
N MET B 247 1.51 18.60 -20.44
CA MET B 247 2.33 18.17 -19.32
C MET B 247 3.43 17.22 -19.80
N GLU B 248 4.62 17.37 -19.23
CA GLU B 248 5.77 16.54 -19.54
C GLU B 248 6.30 15.90 -18.26
N THR B 249 7.20 14.93 -18.44
CA THR B 249 7.80 14.22 -17.31
C THR B 249 8.36 15.20 -16.28
N LYS B 250 9.02 16.26 -16.75
CA LYS B 250 9.64 17.21 -15.83
C LYS B 250 8.60 17.96 -15.01
N ASP B 251 7.34 17.96 -15.44
CA ASP B 251 6.29 18.65 -14.69
C ASP B 251 5.69 17.83 -13.55
N ILE B 252 6.04 16.55 -13.42
CA ILE B 252 5.39 15.69 -12.41
C ILE B 252 5.53 16.23 -10.99
N PRO B 253 6.73 16.64 -10.52
CA PRO B 253 6.80 17.17 -9.15
C PRO B 253 5.97 18.42 -8.91
N VAL B 254 5.97 19.38 -9.84
CA VAL B 254 5.25 20.61 -9.60
C VAL B 254 3.74 20.38 -9.74
N VAL B 255 3.32 19.51 -10.66
CA VAL B 255 1.91 19.15 -10.75
C VAL B 255 1.48 18.51 -9.43
N HIS B 256 2.36 17.68 -8.85
CA HIS B 256 2.06 17.06 -7.56
C HIS B 256 1.97 18.12 -6.46
N GLN B 257 2.87 19.11 -6.48
CA GLN B 257 2.86 20.13 -5.45
C GLN B 257 1.65 21.05 -5.57
N LEU B 258 1.29 21.43 -6.80
CA LEU B 258 0.13 22.30 -7.02
C LEU B 258 -1.18 21.63 -6.60
N LEU B 259 -1.36 20.36 -6.98
CA LEU B 259 -2.57 19.63 -6.62
C LEU B 259 -2.70 19.48 -5.10
N THR B 260 -1.63 19.06 -4.44
CA THR B 260 -1.70 18.81 -3.00
C THR B 260 -2.12 20.06 -2.24
N ARG B 261 -1.52 21.20 -2.58
N ARG B 261 -1.55 21.21 -2.60
CA ARG B 261 -1.86 22.47 -1.94
CA ARG B 261 -1.89 22.44 -1.89
C ARG B 261 -3.29 22.89 -2.27
C ARG B 261 -3.29 22.93 -2.28
N TYR B 262 -3.67 22.77 -3.54
CA TYR B 262 -4.99 23.19 -3.98
C TYR B 262 -6.11 22.38 -3.31
N LEU B 263 -5.88 21.09 -3.07
CA LEU B 263 -6.96 20.25 -2.56
C LEU B 263 -7.21 20.43 -1.06
N LYS B 264 -6.32 21.12 -0.34
CA LYS B 264 -6.52 21.29 1.09
C LYS B 264 -7.80 22.06 1.43
N GLN B 265 -8.33 22.83 0.49
CA GLN B 265 -9.50 23.64 0.78
C GLN B 265 -10.81 22.85 0.78
N PHE B 266 -10.82 21.63 0.27
CA PHE B 266 -12.02 20.81 0.19
C PHE B 266 -12.00 19.78 1.32
N HIS B 267 -13.15 19.10 1.50
CA HIS B 267 -13.31 18.20 2.64
C HIS B 267 -13.25 16.72 2.29
N LEU B 268 -13.37 16.35 1.01
CA LEU B 268 -13.21 14.98 0.54
C LEU B 268 -12.28 15.02 -0.67
N THR B 269 -11.05 14.53 -0.51
CA THR B 269 -10.05 14.67 -1.56
C THR B 269 -9.13 13.45 -1.55
N PRO B 270 -8.51 13.13 -2.68
CA PRO B 270 -7.45 12.14 -2.67
C PRO B 270 -6.15 12.75 -2.16
N VAL B 271 -5.32 11.90 -1.59
CA VAL B 271 -3.96 12.27 -1.19
C VAL B 271 -3.04 11.42 -2.05
N MET B 272 -2.44 12.03 -3.06
CA MET B 272 -1.66 11.30 -4.04
C MET B 272 -0.16 11.40 -3.74
N SER B 273 0.52 10.26 -3.83
CA SER B 273 1.97 10.25 -3.95
C SER B 273 2.39 10.80 -5.33
N GLN B 274 3.69 11.03 -5.50
CA GLN B 274 4.17 11.53 -6.78
C GLN B 274 4.03 10.48 -7.88
N GLU B 275 4.13 9.19 -7.54
CA GLU B 275 3.89 8.14 -8.52
C GLU B 275 2.42 8.08 -8.95
N GLU B 276 1.49 8.26 -8.01
CA GLU B 276 0.07 8.35 -8.39
C GLU B 276 -0.20 9.58 -9.25
N VAL B 277 0.44 10.72 -8.94
CA VAL B 277 0.29 11.88 -9.81
C VAL B 277 0.72 11.53 -11.23
N GLU B 278 1.84 10.83 -11.36
CA GLU B 278 2.29 10.48 -12.70
C GLU B 278 1.27 9.59 -13.39
N HIS B 279 0.75 8.59 -12.68
CA HIS B 279 -0.23 7.69 -13.29
C HIS B 279 -1.49 8.42 -13.73
N TRP B 280 -2.04 9.28 -12.87
CA TRP B 280 -3.35 9.86 -13.16
C TRP B 280 -3.29 11.07 -14.11
N PHE B 281 -2.14 11.73 -14.25
CA PHE B 281 -2.11 12.95 -15.06
C PHE B 281 -1.20 12.90 -16.28
N TYR B 282 -0.18 12.05 -16.31
CA TYR B 282 0.71 12.05 -17.47
C TYR B 282 -0.09 11.74 -18.73
N PRO B 283 -0.01 12.57 -19.77
CA PRO B 283 -0.95 12.43 -20.90
C PRO B 283 -0.82 11.09 -21.59
N GLN B 284 -1.98 10.52 -21.92
CA GLN B 284 -2.08 9.29 -22.70
C GLN B 284 -3.19 9.51 -23.70
N GLU B 285 -2.86 9.41 -24.99
CA GLU B 285 -3.81 9.77 -26.04
C GLU B 285 -5.08 8.93 -25.90
N ASN B 286 -6.23 9.58 -26.04
CA ASN B 286 -7.56 8.97 -25.92
C ASN B 286 -7.83 8.41 -24.54
N ILE B 287 -7.10 8.86 -23.51
CA ILE B 287 -7.38 8.45 -22.15
C ILE B 287 -7.39 9.69 -21.26
N ILE B 288 -6.25 10.38 -21.16
CA ILE B 288 -6.10 11.47 -20.20
C ILE B 288 -5.24 12.56 -20.85
N ASP B 289 -5.70 13.80 -20.75
CA ASP B 289 -4.99 14.97 -21.24
C ASP B 289 -4.74 15.90 -20.07
N THR B 290 -3.49 16.35 -19.91
CA THR B 290 -3.12 17.34 -18.91
C THR B 290 -2.29 18.43 -19.59
N PHE B 291 -2.67 19.68 -19.38
CA PHE B 291 -1.96 20.84 -19.92
C PHE B 291 -1.56 21.75 -18.76
N VAL B 292 -0.30 22.16 -18.73
CA VAL B 292 0.17 23.04 -17.67
C VAL B 292 0.36 24.43 -18.25
N VAL B 293 0.32 25.43 -17.36
CA VAL B 293 0.68 26.80 -17.72
C VAL B 293 2.09 27.05 -17.19
N GLU B 294 3.04 27.22 -18.09
CA GLU B 294 4.41 27.62 -17.76
C GLU B 294 4.58 29.09 -18.12
N ASN B 295 4.86 29.92 -17.12
CA ASN B 295 4.81 31.37 -17.30
C ASN B 295 6.14 31.92 -17.82
N ALA B 296 6.21 33.24 -17.91
CA ALA B 296 7.36 33.93 -18.48
C ALA B 296 8.63 33.70 -17.70
N ASN B 297 8.52 33.28 -16.44
CA ASN B 297 9.66 32.95 -15.61
C ASN B 297 10.03 31.48 -15.69
N GLY B 298 9.27 30.68 -16.43
CA GLY B 298 9.51 29.24 -16.46
C GLY B 298 8.88 28.47 -15.33
N GLU B 299 8.04 29.11 -14.52
CA GLU B 299 7.39 28.45 -13.39
C GLU B 299 6.03 27.91 -13.86
N VAL B 300 5.77 26.64 -13.59
CA VAL B 300 4.44 26.07 -13.80
C VAL B 300 3.53 26.54 -12.67
N THR B 301 2.49 27.29 -13.03
CA THR B 301 1.59 27.89 -12.05
C THR B 301 0.17 27.33 -12.07
N ASP B 302 -0.23 26.64 -13.12
CA ASP B 302 -1.60 26.14 -13.20
C ASP B 302 -1.60 24.86 -14.03
N PHE B 303 -2.67 24.08 -13.91
CA PHE B 303 -2.86 23.03 -14.89
C PHE B 303 -4.34 22.67 -15.00
N LEU B 304 -4.68 22.08 -16.14
CA LEU B 304 -6.02 21.60 -16.41
C LEU B 304 -5.92 20.17 -16.92
N SER B 305 -6.98 19.40 -16.70
CA SER B 305 -6.97 18.02 -17.15
C SER B 305 -8.40 17.55 -17.41
N PHE B 306 -8.54 16.67 -18.39
CA PHE B 306 -9.80 16.01 -18.67
C PHE B 306 -9.52 14.62 -19.21
N TYR B 307 -10.41 13.67 -18.92
CA TYR B 307 -10.27 12.34 -19.46
C TYR B 307 -11.30 12.08 -20.56
N THR B 308 -10.98 11.07 -21.37
CA THR B 308 -11.73 10.70 -22.56
C THR B 308 -12.65 9.54 -22.21
N LEU B 309 -13.97 9.73 -22.37
CA LEU B 309 -14.92 8.64 -22.14
C LEU B 309 -16.02 8.73 -23.18
N PRO B 310 -15.86 8.06 -24.30
CA PRO B 310 -16.91 8.07 -25.34
C PRO B 310 -18.12 7.25 -24.92
N SER B 311 -19.20 7.40 -25.69
CA SER B 311 -20.43 6.69 -25.35
C SER B 311 -21.10 6.13 -26.58
N THR B 312 -21.46 4.85 -26.50
CA THR B 312 -22.20 4.19 -27.55
C THR B 312 -23.57 4.85 -27.71
N ILE B 313 -23.96 5.09 -28.95
CA ILE B 313 -25.29 5.57 -29.29
C ILE B 313 -26.16 4.34 -29.45
N MET B 314 -27.05 4.09 -28.48
CA MET B 314 -27.68 2.78 -28.38
C MET B 314 -28.63 2.49 -29.54
N ASN B 315 -29.41 3.49 -29.97
CA ASN B 315 -30.30 3.32 -31.12
C ASN B 315 -29.54 3.08 -32.41
N HIS B 316 -28.24 3.26 -32.39
CA HIS B 316 -27.43 3.22 -33.59
C HIS B 316 -26.03 2.72 -33.26
N PRO B 317 -25.86 1.46 -32.83
CA PRO B 317 -24.52 1.00 -32.43
C PRO B 317 -23.53 0.96 -33.57
N THR B 318 -23.98 1.10 -34.81
CA THR B 318 -23.06 1.12 -35.94
C THR B 318 -22.29 2.44 -36.02
N HIS B 319 -22.94 3.54 -35.64
CA HIS B 319 -22.37 4.85 -35.88
C HIS B 319 -21.30 5.21 -34.85
N LYS B 320 -20.50 6.21 -35.17
CA LYS B 320 -19.42 6.63 -34.30
C LYS B 320 -19.99 7.05 -32.95
N SER B 321 -19.35 6.59 -31.88
CA SER B 321 -19.79 6.94 -30.54
C SER B 321 -19.70 8.44 -30.32
N LEU B 322 -20.53 8.94 -29.40
CA LEU B 322 -20.40 10.29 -28.91
C LEU B 322 -19.07 10.45 -28.18
N LYS B 323 -18.21 11.32 -28.68
CA LYS B 323 -16.90 11.53 -28.07
C LYS B 323 -17.02 12.61 -27.00
N ALA B 324 -16.80 12.24 -25.74
CA ALA B 324 -17.00 13.14 -24.60
C ALA B 324 -15.73 13.25 -23.77
N ALA B 325 -15.41 14.48 -23.38
CA ALA B 325 -14.34 14.77 -22.43
C ALA B 325 -14.95 15.07 -21.06
N TYR B 326 -14.28 14.58 -20.00
CA TYR B 326 -14.73 14.79 -18.63
C TYR B 326 -13.68 15.59 -17.86
N SER B 327 -14.09 16.75 -17.34
CA SER B 327 -13.23 17.53 -16.46
C SER B 327 -12.70 16.65 -15.33
N PHE B 328 -11.39 16.75 -15.07
CA PHE B 328 -10.73 15.90 -14.09
C PHE B 328 -10.32 16.79 -12.93
N TYR B 329 -9.05 17.19 -12.81
CA TYR B 329 -8.65 18.14 -11.76
C TYR B 329 -8.10 19.40 -12.44
N ASN B 330 -8.55 20.57 -11.99
CA ASN B 330 -8.06 21.84 -12.53
C ASN B 330 -7.57 22.72 -11.38
N VAL B 331 -6.28 23.05 -11.41
CA VAL B 331 -5.62 23.81 -10.36
C VAL B 331 -5.22 25.16 -10.93
N HIS B 332 -5.51 26.21 -10.20
CA HIS B 332 -5.21 27.57 -10.61
C HIS B 332 -4.57 28.29 -9.44
N THR B 333 -3.39 28.89 -9.67
CA THR B 333 -2.78 29.82 -8.72
C THR B 333 -2.48 31.18 -9.33
N GLN B 334 -2.34 31.27 -10.66
N GLN B 334 -2.34 31.29 -10.65
CA GLN B 334 -2.00 32.51 -11.35
CA GLN B 334 -2.14 32.59 -11.26
C GLN B 334 -3.03 32.83 -12.42
C GLN B 334 -3.09 32.84 -12.42
N THR B 335 -3.41 31.83 -13.22
CA THR B 335 -4.40 32.02 -14.26
C THR B 335 -5.81 31.95 -13.66
N PRO B 336 -6.72 32.84 -14.05
CA PRO B 336 -8.10 32.73 -13.57
C PRO B 336 -8.73 31.41 -14.01
N LEU B 337 -9.40 30.74 -13.07
CA LEU B 337 -10.05 29.47 -13.39
C LEU B 337 -10.97 29.60 -14.59
N LEU B 338 -11.62 30.76 -14.74
CA LEU B 338 -12.52 30.95 -15.87
C LEU B 338 -11.76 30.84 -17.19
N ASP B 339 -10.58 31.44 -17.26
CA ASP B 339 -9.73 31.35 -18.44
C ASP B 339 -9.18 29.95 -18.62
N LEU B 340 -8.82 29.29 -17.52
CA LEU B 340 -8.30 27.92 -17.61
C LEU B 340 -9.33 27.00 -18.23
N MET B 341 -10.59 27.07 -17.77
CA MET B 341 -11.62 26.17 -18.31
C MET B 341 -12.00 26.57 -19.72
N SER B 342 -12.00 27.87 -20.02
CA SER B 342 -12.22 28.28 -21.41
C SER B 342 -11.17 27.63 -22.31
N ASP B 343 -9.93 27.56 -21.86
CA ASP B 343 -8.90 26.88 -22.64
C ASP B 343 -9.14 25.37 -22.71
N ALA B 344 -9.68 24.76 -21.66
CA ALA B 344 -10.00 23.33 -21.72
C ALA B 344 -11.05 23.04 -22.78
N LEU B 345 -12.07 23.91 -22.90
CA LEU B 345 -13.08 23.74 -23.95
C LEU B 345 -12.45 23.81 -25.33
N VAL B 346 -11.60 24.82 -25.55
CA VAL B 346 -10.97 24.99 -26.86
C VAL B 346 -10.11 23.79 -27.22
N LEU B 347 -9.32 23.30 -26.26
CA LEU B 347 -8.48 22.12 -26.49
C LEU B 347 -9.33 20.87 -26.77
N ALA B 348 -10.41 20.68 -26.01
CA ALA B 348 -11.26 19.54 -26.27
C ALA B 348 -11.90 19.66 -27.65
N LYS B 349 -12.30 20.87 -28.04
CA LYS B 349 -12.80 21.09 -29.38
C LYS B 349 -11.76 20.71 -30.43
N MET B 350 -10.54 21.25 -30.29
CA MET B 350 -9.45 20.92 -31.23
C MET B 350 -9.23 19.41 -31.33
N LYS B 351 -9.33 18.69 -30.22
CA LYS B 351 -9.06 17.26 -30.26
C LYS B 351 -10.24 16.44 -30.78
N GLY B 352 -11.32 17.09 -31.20
CA GLY B 352 -12.43 16.37 -31.79
C GLY B 352 -13.48 15.86 -30.83
N PHE B 353 -13.54 16.40 -29.62
CA PHE B 353 -14.63 16.02 -28.72
C PHE B 353 -15.94 16.69 -29.12
N ASP B 354 -17.05 15.97 -28.90
CA ASP B 354 -18.38 16.50 -29.17
C ASP B 354 -18.98 17.24 -27.99
N VAL B 355 -18.67 16.85 -26.76
CA VAL B 355 -19.19 17.51 -25.57
C VAL B 355 -18.14 17.46 -24.46
N PHE B 356 -18.19 18.47 -23.59
CA PHE B 356 -17.30 18.59 -22.43
C PHE B 356 -18.18 18.55 -21.19
N ASN B 357 -17.92 17.57 -20.32
CA ASN B 357 -18.70 17.35 -19.11
C ASN B 357 -17.92 17.76 -17.86
N ALA B 358 -18.66 18.28 -16.88
CA ALA B 358 -18.08 18.67 -15.60
C ALA B 358 -19.15 18.55 -14.54
N LEU B 359 -18.73 18.18 -13.34
CA LEU B 359 -19.58 18.19 -12.15
C LEU B 359 -19.59 19.57 -11.52
N ASP B 360 -20.57 19.81 -10.65
CA ASP B 360 -20.63 21.06 -9.93
C ASP B 360 -19.84 21.02 -8.62
N LEU B 361 -18.83 20.15 -8.53
CA LEU B 361 -18.03 20.07 -7.32
C LEU B 361 -16.87 21.07 -7.38
N MET B 362 -16.05 21.05 -6.33
CA MET B 362 -14.90 21.96 -6.15
C MET B 362 -15.40 23.37 -6.45
N GLU B 363 -14.69 24.17 -7.23
CA GLU B 363 -15.14 25.53 -7.54
C GLU B 363 -15.86 25.63 -8.88
N ASN B 364 -16.36 24.52 -9.40
CA ASN B 364 -16.85 24.52 -10.78
C ASN B 364 -18.08 25.40 -10.98
N LYS B 365 -18.90 25.59 -9.94
CA LYS B 365 -20.09 26.43 -10.09
C LYS B 365 -19.75 27.86 -10.52
N THR B 366 -18.51 28.30 -10.29
CA THR B 366 -18.10 29.65 -10.66
C THR B 366 -17.91 29.82 -12.16
N PHE B 367 -17.81 28.72 -12.93
CA PHE B 367 -17.64 28.87 -14.36
C PHE B 367 -18.70 28.19 -15.21
N LEU B 368 -19.51 27.29 -14.62
CA LEU B 368 -20.39 26.46 -15.43
C LEU B 368 -21.34 27.31 -16.29
N GLU B 369 -22.14 28.17 -15.66
CA GLU B 369 -23.09 28.98 -16.44
C GLU B 369 -22.37 29.95 -17.37
N LYS B 370 -21.34 30.65 -16.88
CA LYS B 370 -20.64 31.63 -17.70
C LYS B 370 -20.09 31.01 -18.98
N LEU B 371 -19.60 29.76 -18.92
CA LEU B 371 -19.01 29.14 -20.09
C LEU B 371 -20.03 28.35 -20.90
N LYS B 372 -21.32 28.52 -20.59
CA LYS B 372 -22.43 28.01 -21.37
C LYS B 372 -22.62 26.50 -21.22
N PHE B 373 -22.24 25.95 -20.07
CA PHE B 373 -22.68 24.61 -19.72
C PHE B 373 -24.19 24.62 -19.48
N GLY B 374 -24.85 23.54 -19.87
CA GLY B 374 -26.23 23.29 -19.49
C GLY B 374 -26.31 22.15 -18.48
N ILE B 375 -27.29 22.23 -17.59
CA ILE B 375 -27.38 21.26 -16.50
C ILE B 375 -27.90 19.94 -17.04
N GLY B 376 -27.36 18.83 -16.52
CA GLY B 376 -27.79 17.51 -16.93
C GLY B 376 -28.94 17.01 -16.09
N ASP B 377 -29.43 15.83 -16.44
CA ASP B 377 -30.51 15.22 -15.66
C ASP B 377 -30.00 14.23 -14.63
N GLY B 378 -28.69 13.96 -14.61
CA GLY B 378 -28.18 12.96 -13.69
C GLY B 378 -27.42 13.52 -12.49
N ASN B 379 -27.90 13.19 -11.30
CA ASN B 379 -27.14 13.38 -10.07
C ASN B 379 -26.04 12.32 -9.94
N LEU B 380 -24.97 12.69 -9.25
CA LEU B 380 -23.90 11.76 -8.88
C LEU B 380 -23.74 11.83 -7.37
N GLN B 381 -24.14 10.78 -6.67
CA GLN B 381 -23.98 10.67 -5.22
C GLN B 381 -22.61 10.12 -4.86
N TYR B 382 -21.99 10.71 -3.84
CA TYR B 382 -20.73 10.24 -3.27
C TYR B 382 -20.99 9.54 -1.95
N TYR B 383 -20.32 8.40 -1.73
CA TYR B 383 -20.54 7.59 -0.55
C TYR B 383 -19.22 7.17 0.09
N LEU B 384 -19.27 6.98 1.40
CA LEU B 384 -18.22 6.35 2.17
C LEU B 384 -18.79 5.09 2.82
N TYR B 385 -18.01 4.02 2.78
CA TYR B 385 -18.35 2.78 3.45
C TYR B 385 -17.60 2.71 4.77
N ASN B 386 -18.34 2.50 5.87
CA ASN B 386 -17.77 2.33 7.22
C ASN B 386 -17.05 3.58 7.69
N TRP B 387 -17.59 4.74 7.34
CA TRP B 387 -17.11 6.00 7.86
C TRP B 387 -18.29 6.93 8.02
N LYS B 388 -18.56 7.32 9.26
CA LYS B 388 -19.69 8.17 9.62
C LYS B 388 -19.17 9.59 9.75
N CYS B 389 -19.71 10.51 8.95
CA CYS B 389 -19.32 11.92 9.03
C CYS B 389 -20.45 12.76 8.48
N PRO B 390 -20.45 14.07 8.77
CA PRO B 390 -21.50 14.95 8.22
C PRO B 390 -21.44 15.03 6.71
N SER B 391 -22.61 15.18 6.09
CA SER B 391 -22.64 15.39 4.65
C SER B 391 -22.05 16.77 4.31
N MET B 392 -21.85 17.03 3.02
CA MET B 392 -21.20 18.26 2.62
C MET B 392 -21.79 18.73 1.30
N GLY B 393 -21.63 20.04 1.04
CA GLY B 393 -22.04 20.59 -0.21
C GLY B 393 -21.15 20.13 -1.34
N ALA B 394 -21.70 20.15 -2.55
CA ALA B 394 -20.92 19.76 -3.72
C ALA B 394 -19.60 20.52 -3.80
N GLU B 395 -19.60 21.78 -3.39
CA GLU B 395 -18.41 22.60 -3.61
C GLU B 395 -17.28 22.22 -2.67
N LYS B 396 -17.55 21.40 -1.65
CA LYS B 396 -16.51 20.90 -0.76
C LYS B 396 -16.02 19.52 -1.15
N VAL B 397 -16.62 18.91 -2.17
CA VAL B 397 -16.15 17.64 -2.71
C VAL B 397 -14.99 17.92 -3.66
N GLY B 398 -13.83 17.32 -3.38
CA GLY B 398 -12.65 17.50 -4.20
C GLY B 398 -12.12 16.18 -4.70
N LEU B 399 -13.01 15.27 -5.10
CA LEU B 399 -12.64 13.92 -5.52
C LEU B 399 -13.36 13.61 -6.82
N VAL B 400 -12.61 13.28 -7.86
CA VAL B 400 -13.16 12.87 -9.16
C VAL B 400 -12.72 11.44 -9.43
N LEU B 401 -13.70 10.55 -9.55
CA LEU B 401 -13.46 9.16 -9.94
C LEU B 401 -13.79 8.98 -11.43
N GLN B 402 -13.39 7.83 -11.98
CA GLN B 402 -13.60 7.55 -13.41
C GLN B 402 -14.88 6.77 -13.69
N CYS C 2 22.14 -8.16 13.53
CA CYS C 2 23.43 -7.95 14.20
C CYS C 2 23.86 -9.27 14.79
N PHE C 3 25.11 -9.67 14.56
CA PHE C 3 25.55 -11.03 14.90
C PHE C 3 26.11 -11.05 16.32
N SER C 4 25.39 -11.71 17.22
CA SER C 4 25.78 -11.80 18.61
C SER C 4 26.32 -13.21 18.91
N LYS C 5 27.08 -13.28 20.00
CA LYS C 5 27.54 -14.55 20.56
C LYS C 5 27.70 -14.35 22.06
N PRO C 6 27.62 -15.43 22.85
CA PRO C 6 27.51 -15.28 24.31
C PRO C 6 28.60 -14.38 24.90
N ARG C 7 28.18 -13.42 25.72
CA ARG C 7 29.09 -12.53 26.44
C ARG C 7 29.91 -13.33 27.44
N CYS D 2 -21.89 7.83 -13.81
CA CYS D 2 -23.32 8.04 -14.01
C CYS D 2 -23.47 8.77 -15.32
N PHE D 3 -24.31 8.25 -16.23
CA PHE D 3 -24.47 8.87 -17.54
C PHE D 3 -25.53 9.95 -17.47
N SER D 4 -25.11 11.19 -17.71
CA SER D 4 -25.99 12.35 -17.77
C SER D 4 -26.03 12.93 -19.19
N LYS D 5 -27.14 13.59 -19.50
CA LYS D 5 -27.31 14.32 -20.75
C LYS D 5 -28.18 15.53 -20.47
N PRO D 6 -28.12 16.57 -21.30
CA PRO D 6 -28.77 17.85 -20.96
C PRO D 6 -30.27 17.68 -20.69
N ARG D 7 -30.67 18.14 -19.51
CA ARG D 7 -32.09 18.18 -19.17
C ARG D 7 -32.79 19.19 -20.05
#